data_2CAN
#
_entry.id   2CAN
#
_cell.length_a   115.915
_cell.length_b   115.915
_cell.length_c   185.729
_cell.angle_alpha   90.00
_cell.angle_beta   90.00
_cell.angle_gamma   120.00
#
_symmetry.space_group_name_H-M   'P 32 2 1'
#
loop_
_entity.id
_entity.type
_entity.pdbx_description
1 polymer 'ORNITHINE AMINOTRANSFERASE'
2 non-polymer CANALINE
3 non-polymer "PYRIDOXAL-5'-PHOSPHATE"
4 water water
#
_entity_poly.entity_id   1
_entity_poly.type   'polypeptide(L)'
_entity_poly.pdbx_seq_one_letter_code
;PTSDDIFEREYKYGAHNYHPLPVALERGKGIYLWDVEGRKYFDFLSSYSAVNQGHCHPKIVNALKSQVDKLTLTSRAFYN
NVLGEYEEYITKLFNYHKVLPMNTGVEAGETACKLARKWGYTVKGIQKYKAKIVFAAGNFWGRTLSAISSSTDPTSYDGF
GPFMPGFDIIPYNDLPALERALQDPNVAAFMVEPIQGEAGVVVPDPGYLMGVRELCTRHQVLFIADEIQTGLARTGRWLA
VDYENVRPDIVLLGKALSGGLYPVSAVLCDDDIMLTIKPGEHGSTYGGNPLGCRVAIAALEVLEEENLAENADKLGIILR
NELMKLPSDVVTAVRGKGLLNAIVIKETKDWDAWKVCLRLRDNGLLAKPTHGDIIRFAPPLVIKEDELRESIEIINKTIL
SF
;
_entity_poly.pdbx_strand_id   A,B,C
#
# COMPACT_ATOMS: atom_id res chain seq x y z
N PRO A 1 -7.35 43.84 1.59
CA PRO A 1 -6.07 43.63 0.89
C PRO A 1 -6.26 43.90 -0.59
N THR A 2 -5.26 44.51 -1.23
CA THR A 2 -5.32 44.82 -2.64
C THR A 2 -4.90 43.59 -3.42
N SER A 3 -5.15 43.57 -4.72
CA SER A 3 -4.75 42.44 -5.56
C SER A 3 -3.26 42.16 -5.38
N ASP A 4 -2.47 43.22 -5.23
CA ASP A 4 -1.03 43.09 -5.04
C ASP A 4 -0.67 42.43 -3.71
N ASP A 5 -1.44 42.70 -2.66
CA ASP A 5 -1.17 42.10 -1.37
C ASP A 5 -1.50 40.61 -1.47
N ILE A 6 -2.59 40.31 -2.18
CA ILE A 6 -3.03 38.94 -2.40
C ILE A 6 -1.95 38.15 -3.13
N PHE A 7 -1.44 38.70 -4.23
CA PHE A 7 -0.39 38.05 -5.04
C PHE A 7 0.85 37.78 -4.18
N GLU A 8 1.29 38.81 -3.45
CA GLU A 8 2.46 38.75 -2.60
C GLU A 8 2.35 37.72 -1.47
N ARG A 9 1.18 37.64 -0.84
CA ARG A 9 0.96 36.71 0.26
C ARG A 9 1.06 35.25 -0.19
N GLU A 10 0.45 34.91 -1.31
CA GLU A 10 0.50 33.55 -1.83
C GLU A 10 1.94 33.16 -2.20
N TYR A 11 2.66 34.12 -2.76
CA TYR A 11 4.04 33.90 -3.15
C TYR A 11 4.92 33.53 -1.96
N LYS A 12 4.56 34.02 -0.78
CA LYS A 12 5.34 33.73 0.40
C LYS A 12 4.95 32.47 1.16
N TYR A 13 3.66 32.18 1.22
CA TYR A 13 3.18 31.02 1.97
C TYR A 13 2.68 29.83 1.16
N GLY A 14 2.72 29.93 -0.17
CA GLY A 14 2.25 28.85 -1.00
C GLY A 14 3.28 28.39 -2.01
N ALA A 15 3.18 27.13 -2.42
CA ALA A 15 4.10 26.55 -3.40
C ALA A 15 3.95 27.31 -4.71
N HIS A 16 5.04 27.38 -5.48
CA HIS A 16 5.04 28.09 -6.77
C HIS A 16 4.71 27.17 -7.95
N ASN A 17 3.85 26.19 -7.75
CA ASN A 17 3.49 25.25 -8.82
C ASN A 17 2.58 25.82 -9.90
N TYR A 18 2.19 27.08 -9.74
CA TYR A 18 1.31 27.77 -10.68
C TYR A 18 1.82 29.18 -10.93
N HIS A 19 1.45 29.75 -12.06
CA HIS A 19 1.78 31.12 -12.39
C HIS A 19 0.49 31.62 -13.02
N PRO A 20 -0.46 32.08 -12.19
CA PRO A 20 -1.77 32.58 -12.60
C PRO A 20 -1.76 33.95 -13.27
N LEU A 21 -2.84 34.21 -14.02
CA LEU A 21 -3.01 35.48 -14.68
C LEU A 21 -3.26 36.40 -13.49
N PRO A 22 -2.54 37.53 -13.42
CA PRO A 22 -2.72 38.46 -12.30
C PRO A 22 -4.11 39.12 -12.15
N VAL A 23 -5.00 38.41 -11.47
CA VAL A 23 -6.35 38.89 -11.18
C VAL A 23 -6.74 38.23 -9.86
N ALA A 24 -7.31 39.00 -8.95
CA ALA A 24 -7.70 38.48 -7.65
C ALA A 24 -9.22 38.55 -7.49
N LEU A 25 -9.90 37.45 -7.81
CA LEU A 25 -11.35 37.39 -7.71
C LEU A 25 -11.83 37.11 -6.28
N GLU A 26 -13.06 37.52 -5.97
CA GLU A 26 -13.62 37.30 -4.64
C GLU A 26 -15.11 36.98 -4.67
N ARG A 27 -15.71 37.10 -5.85
CA ARG A 27 -17.12 36.82 -6.01
C ARG A 27 -17.37 36.46 -7.48
N GLY A 28 -18.32 35.57 -7.71
CA GLY A 28 -18.63 35.17 -9.07
C GLY A 28 -20.06 34.66 -9.10
N LYS A 29 -20.78 35.00 -10.16
CA LYS A 29 -22.17 34.58 -10.30
C LYS A 29 -22.44 34.39 -11.79
N GLY A 30 -22.99 33.24 -12.15
CA GLY A 30 -23.25 32.96 -13.55
C GLY A 30 -21.96 32.99 -14.34
N ILE A 31 -21.96 33.81 -15.40
CA ILE A 31 -20.80 33.97 -16.26
C ILE A 31 -19.84 35.08 -15.82
N TYR A 32 -20.14 35.74 -14.70
CA TYR A 32 -19.32 36.85 -14.23
C TYR A 32 -18.46 36.61 -13.00
N LEU A 33 -17.36 37.34 -12.93
CA LEU A 33 -16.43 37.28 -11.81
C LEU A 33 -16.01 38.70 -11.44
N TRP A 34 -16.02 39.00 -10.15
CA TRP A 34 -15.64 40.34 -9.67
C TRP A 34 -14.36 40.24 -8.84
N ASP A 35 -13.39 41.10 -9.12
CA ASP A 35 -12.15 41.07 -8.35
C ASP A 35 -12.28 41.90 -7.07
N VAL A 36 -11.18 42.04 -6.31
CA VAL A 36 -11.23 42.80 -5.07
C VAL A 36 -11.42 44.31 -5.20
N GLU A 37 -11.27 44.86 -6.40
CA GLU A 37 -11.47 46.28 -6.63
C GLU A 37 -12.87 46.54 -7.18
N GLY A 38 -13.69 45.49 -7.24
CA GLY A 38 -15.04 45.64 -7.75
C GLY A 38 -15.17 45.50 -9.25
N ARG A 39 -14.05 45.39 -9.95
CA ARG A 39 -14.07 45.24 -11.42
C ARG A 39 -14.76 43.92 -11.81
N LYS A 40 -15.66 44.02 -12.77
CA LYS A 40 -16.45 42.90 -13.28
C LYS A 40 -15.78 42.25 -14.51
N TYR A 41 -15.91 40.94 -14.65
CA TYR A 41 -15.30 40.22 -15.79
C TYR A 41 -16.14 39.08 -16.36
N PHE A 42 -15.93 38.80 -17.63
CA PHE A 42 -16.60 37.70 -18.31
C PHE A 42 -15.66 36.53 -18.04
N ASP A 43 -16.17 35.38 -17.62
CA ASP A 43 -15.30 34.24 -17.37
C ASP A 43 -15.29 33.33 -18.60
N PHE A 44 -14.15 33.29 -19.29
CA PHE A 44 -14.01 32.47 -20.48
C PHE A 44 -13.07 31.28 -20.27
N LEU A 45 -13.06 30.75 -19.05
CA LEU A 45 -12.24 29.60 -18.71
C LEU A 45 -13.11 28.58 -17.96
N SER A 46 -14.09 29.07 -17.22
CA SER A 46 -15.02 28.24 -16.43
C SER A 46 -14.29 27.29 -15.50
N SER A 47 -13.13 27.71 -14.99
CA SER A 47 -12.34 26.86 -14.10
C SER A 47 -12.06 25.51 -14.78
N TYR A 48 -11.55 25.57 -16.01
CA TYR A 48 -11.24 24.38 -16.81
C TYR A 48 -12.47 23.51 -17.05
N SER A 49 -13.61 24.14 -17.29
CA SER A 49 -14.87 23.46 -17.56
C SER A 49 -15.57 22.86 -16.33
N ALA A 50 -15.21 23.32 -15.14
CA ALA A 50 -15.83 22.82 -13.91
C ALA A 50 -17.15 23.55 -13.58
N VAL A 51 -17.24 24.83 -13.91
CA VAL A 51 -18.46 25.59 -13.64
C VAL A 51 -19.30 25.81 -14.90
N ASN A 52 -19.68 24.73 -15.56
CA ASN A 52 -20.50 24.78 -16.76
C ASN A 52 -21.85 25.46 -16.50
N GLN A 53 -22.38 25.26 -15.30
CA GLN A 53 -23.66 25.83 -14.91
C GLN A 53 -23.56 27.26 -14.38
N GLY A 54 -22.38 27.86 -14.52
CA GLY A 54 -22.18 29.21 -14.05
C GLY A 54 -21.81 29.16 -12.59
N HIS A 55 -21.12 30.20 -12.11
CA HIS A 55 -20.70 30.26 -10.72
C HIS A 55 -21.88 30.36 -9.77
N CYS A 56 -21.76 29.65 -8.64
CA CYS A 56 -22.76 29.63 -7.58
C CYS A 56 -24.20 29.50 -8.07
N HIS A 57 -24.45 28.54 -8.94
CA HIS A 57 -25.81 28.35 -9.43
C HIS A 57 -26.71 28.05 -8.24
N PRO A 58 -27.77 28.87 -8.05
CA PRO A 58 -28.75 28.75 -6.95
C PRO A 58 -29.25 27.36 -6.60
N LYS A 59 -29.62 26.55 -7.60
CA LYS A 59 -30.13 25.21 -7.33
C LYS A 59 -29.09 24.28 -6.68
N ILE A 60 -27.84 24.39 -7.12
CA ILE A 60 -26.77 23.55 -6.58
C ILE A 60 -26.42 24.06 -5.19
N VAL A 61 -26.38 25.39 -5.04
CA VAL A 61 -26.08 26.01 -3.76
C VAL A 61 -27.11 25.60 -2.71
N ASN A 62 -28.37 25.54 -3.12
CA ASN A 62 -29.47 25.16 -2.22
C ASN A 62 -29.31 23.72 -1.74
N ALA A 63 -28.92 22.84 -2.65
CA ALA A 63 -28.73 21.42 -2.35
C ALA A 63 -27.60 21.25 -1.33
N LEU A 64 -26.54 22.03 -1.49
CA LEU A 64 -25.40 21.98 -0.58
C LEU A 64 -25.84 22.46 0.80
N LYS A 65 -26.44 23.64 0.86
CA LYS A 65 -26.90 24.24 2.12
C LYS A 65 -27.90 23.35 2.86
N SER A 66 -28.72 22.63 2.11
CA SER A 66 -29.71 21.74 2.68
C SER A 66 -29.07 20.52 3.35
N GLN A 67 -28.29 19.77 2.59
CA GLN A 67 -27.63 18.57 3.08
C GLN A 67 -26.60 18.78 4.21
N VAL A 68 -25.91 19.91 4.24
CA VAL A 68 -24.91 20.16 5.29
C VAL A 68 -25.45 20.15 6.72
N ASP A 69 -26.75 20.40 6.89
CA ASP A 69 -27.35 20.42 8.22
C ASP A 69 -27.70 19.01 8.66
N LYS A 70 -27.78 18.09 7.70
CA LYS A 70 -28.15 16.72 8.00
C LYS A 70 -26.97 15.75 8.18
N LEU A 71 -26.15 15.61 7.14
CA LEU A 71 -25.01 14.70 7.17
C LEU A 71 -24.04 15.09 6.06
N THR A 72 -22.74 14.91 6.29
CA THR A 72 -21.73 15.24 5.28
C THR A 72 -20.82 14.07 4.96
N LEU A 73 -20.42 13.31 5.97
CA LEU A 73 -19.52 12.18 5.76
C LEU A 73 -19.64 11.07 6.81
N THR A 74 -19.84 9.84 6.32
CA THR A 74 -19.95 8.67 7.18
C THR A 74 -18.86 7.67 6.80
N SER A 75 -18.26 7.89 5.62
CA SER A 75 -17.25 7.02 5.03
C SER A 75 -18.07 5.85 4.48
N ARG A 76 -17.48 5.05 3.59
CA ARG A 76 -18.22 3.93 3.03
C ARG A 76 -18.21 2.70 3.92
N ALA A 77 -17.73 2.86 5.15
CA ALA A 77 -17.70 1.76 6.11
C ALA A 77 -19.13 1.47 6.57
N PHE A 78 -19.98 2.51 6.47
CA PHE A 78 -21.39 2.43 6.84
C PHE A 78 -22.15 2.98 5.63
N TYR A 79 -23.44 2.67 5.55
CA TYR A 79 -24.26 3.19 4.46
C TYR A 79 -24.89 4.52 4.87
N ASN A 80 -25.21 5.33 3.87
CA ASN A 80 -25.88 6.60 4.11
C ASN A 80 -27.07 6.55 3.15
N ASN A 81 -28.08 7.38 3.38
CA ASN A 81 -29.27 7.38 2.54
C ASN A 81 -29.19 8.02 1.15
N VAL A 82 -28.25 8.93 0.95
CA VAL A 82 -28.11 9.64 -0.33
C VAL A 82 -27.42 8.91 -1.48
N LEU A 83 -26.26 8.31 -1.22
CA LEU A 83 -25.48 7.63 -2.25
C LEU A 83 -26.25 6.77 -3.26
N GLY A 84 -27.06 5.85 -2.77
CA GLY A 84 -27.83 4.98 -3.65
C GLY A 84 -28.79 5.74 -4.56
N GLU A 85 -29.27 6.89 -4.09
CA GLU A 85 -30.20 7.71 -4.85
C GLU A 85 -29.43 8.31 -6.04
N TYR A 86 -28.24 8.84 -5.75
CA TYR A 86 -27.39 9.41 -6.77
C TYR A 86 -27.01 8.36 -7.81
N GLU A 87 -26.55 7.21 -7.32
CA GLU A 87 -26.14 6.10 -8.19
C GLU A 87 -27.20 5.70 -9.20
N GLU A 88 -28.42 5.49 -8.73
CA GLU A 88 -29.51 5.09 -9.62
C GLU A 88 -29.76 6.15 -10.68
N TYR A 89 -29.69 7.41 -10.27
CA TYR A 89 -29.92 8.54 -11.17
C TYR A 89 -28.87 8.63 -12.28
N ILE A 90 -27.60 8.68 -11.89
CA ILE A 90 -26.51 8.80 -12.86
C ILE A 90 -26.33 7.60 -13.79
N THR A 91 -26.54 6.38 -13.28
CA THR A 91 -26.38 5.18 -14.09
C THR A 91 -27.47 5.13 -15.16
N LYS A 92 -28.70 5.47 -14.77
CA LYS A 92 -29.81 5.46 -15.72
C LYS A 92 -29.69 6.61 -16.72
N LEU A 93 -29.23 7.76 -16.26
CA LEU A 93 -29.06 8.92 -17.12
C LEU A 93 -28.08 8.60 -18.25
N PHE A 94 -26.94 8.00 -17.91
CA PHE A 94 -25.91 7.65 -18.90
C PHE A 94 -26.02 6.25 -19.49
N ASN A 95 -26.93 5.44 -18.95
CA ASN A 95 -27.18 4.10 -19.42
C ASN A 95 -26.01 3.11 -19.26
N TYR A 96 -25.62 2.90 -18.02
CA TYR A 96 -24.55 1.97 -17.67
C TYR A 96 -25.05 1.23 -16.44
N HIS A 97 -24.53 0.03 -16.18
CA HIS A 97 -24.98 -0.74 -15.03
C HIS A 97 -24.68 -0.10 -13.69
N LYS A 98 -23.41 0.27 -13.47
CA LYS A 98 -23.01 0.83 -12.21
C LYS A 98 -22.09 2.03 -12.32
N VAL A 99 -21.83 2.66 -11.19
CA VAL A 99 -20.95 3.80 -11.11
C VAL A 99 -20.08 3.60 -9.89
N LEU A 100 -18.83 4.04 -9.97
CA LEU A 100 -17.90 3.96 -8.86
C LEU A 100 -17.58 5.42 -8.59
N PRO A 101 -18.01 5.95 -7.42
CA PRO A 101 -17.79 7.34 -7.03
C PRO A 101 -16.41 7.64 -6.47
N MET A 102 -15.81 8.72 -6.97
CA MET A 102 -14.50 9.17 -6.51
C MET A 102 -14.60 10.69 -6.35
N ASN A 103 -13.50 11.35 -6.02
CA ASN A 103 -13.52 12.79 -5.81
C ASN A 103 -12.96 13.64 -6.95
N THR A 104 -11.66 13.51 -7.20
CA THR A 104 -11.01 14.28 -8.25
C THR A 104 -10.98 13.56 -9.60
N GLY A 105 -10.60 14.29 -10.64
CA GLY A 105 -10.53 13.70 -11.97
C GLY A 105 -9.47 12.61 -12.11
N VAL A 106 -8.27 12.85 -11.56
CA VAL A 106 -7.19 11.86 -11.65
C VAL A 106 -7.62 10.56 -11.01
N GLU A 107 -8.34 10.65 -9.90
CA GLU A 107 -8.81 9.45 -9.20
C GLU A 107 -9.73 8.64 -10.10
N ALA A 108 -10.53 9.31 -10.91
CA ALA A 108 -11.42 8.61 -11.82
C ALA A 108 -10.56 7.85 -12.84
N GLY A 109 -9.48 8.51 -13.26
CA GLY A 109 -8.55 7.92 -14.22
C GLY A 109 -7.83 6.71 -13.64
N GLU A 110 -7.31 6.85 -12.43
CA GLU A 110 -6.61 5.77 -11.74
C GLU A 110 -7.53 4.58 -11.58
N THR A 111 -8.78 4.85 -11.20
CA THR A 111 -9.78 3.81 -11.01
C THR A 111 -10.04 3.10 -12.34
N ALA A 112 -10.07 3.84 -13.43
CA ALA A 112 -10.29 3.25 -14.75
C ALA A 112 -9.12 2.33 -15.13
N CYS A 113 -7.90 2.77 -14.84
CA CYS A 113 -6.71 1.97 -15.13
C CYS A 113 -6.73 0.68 -14.31
N LYS A 114 -7.19 0.77 -13.07
CA LYS A 114 -7.28 -0.40 -12.20
C LYS A 114 -8.37 -1.36 -12.68
N LEU A 115 -9.49 -0.81 -13.15
CA LEU A 115 -10.58 -1.64 -13.68
C LEU A 115 -10.09 -2.40 -14.93
N ALA A 116 -9.43 -1.68 -15.84
CA ALA A 116 -8.91 -2.28 -17.07
C ALA A 116 -7.93 -3.40 -16.79
N ARG A 117 -6.95 -3.14 -15.92
CA ARG A 117 -5.95 -4.13 -15.55
C ARG A 117 -6.57 -5.37 -14.89
N LYS A 118 -7.41 -5.13 -13.88
CA LYS A 118 -8.10 -6.22 -13.18
C LYS A 118 -8.94 -7.05 -14.15
N TRP A 119 -9.63 -6.38 -15.06
CA TRP A 119 -10.45 -7.04 -16.06
C TRP A 119 -9.55 -7.84 -17.00
N GLY A 120 -8.42 -7.25 -17.36
CA GLY A 120 -7.49 -7.92 -18.26
C GLY A 120 -7.00 -9.25 -17.72
N TYR A 121 -6.71 -9.29 -16.43
CA TYR A 121 -6.23 -10.50 -15.79
C TYR A 121 -7.33 -11.51 -15.49
N THR A 122 -8.34 -11.07 -14.74
CA THR A 122 -9.45 -11.93 -14.31
C THR A 122 -10.45 -12.34 -15.38
N VAL A 123 -10.62 -11.51 -16.42
CA VAL A 123 -11.58 -11.84 -17.47
C VAL A 123 -10.94 -12.14 -18.82
N LYS A 124 -10.09 -11.24 -19.31
CA LYS A 124 -9.44 -11.47 -20.61
C LYS A 124 -8.42 -12.62 -20.55
N GLY A 125 -7.79 -12.81 -19.40
CA GLY A 125 -6.83 -13.89 -19.24
C GLY A 125 -5.37 -13.53 -19.42
N ILE A 126 -5.04 -12.24 -19.41
CA ILE A 126 -3.67 -11.79 -19.57
C ILE A 126 -2.84 -12.28 -18.38
N GLN A 127 -1.59 -12.68 -18.61
CA GLN A 127 -0.74 -13.16 -17.53
C GLN A 127 -0.41 -12.04 -16.56
N LYS A 128 -0.39 -12.38 -15.28
CA LYS A 128 -0.12 -11.40 -14.24
C LYS A 128 1.00 -10.41 -14.45
N TYR A 129 0.55 -9.17 -14.53
CA TYR A 129 1.33 -7.95 -14.68
C TYR A 129 1.94 -7.67 -16.02
N LYS A 130 1.34 -8.29 -17.04
CA LYS A 130 1.74 -8.11 -18.43
C LYS A 130 0.75 -7.22 -19.19
N ALA A 131 -0.34 -6.83 -18.51
CA ALA A 131 -1.37 -5.98 -19.12
C ALA A 131 -0.91 -4.57 -19.45
N LYS A 132 -1.29 -4.13 -20.64
CA LYS A 132 -0.93 -2.81 -21.11
C LYS A 132 -2.16 -1.92 -21.33
N ILE A 133 -1.95 -0.62 -21.31
CA ILE A 133 -2.99 0.36 -21.55
C ILE A 133 -2.37 1.36 -22.52
N VAL A 134 -3.07 1.61 -23.64
CA VAL A 134 -2.57 2.54 -24.65
C VAL A 134 -3.16 3.93 -24.45
N PHE A 135 -2.34 4.95 -24.70
CA PHE A 135 -2.73 6.35 -24.56
C PHE A 135 -2.36 7.09 -25.83
N ALA A 136 -3.00 8.23 -26.05
CA ALA A 136 -2.74 9.05 -27.23
C ALA A 136 -1.87 10.23 -26.81
N ALA A 137 -0.84 10.51 -27.60
CA ALA A 137 0.06 11.62 -27.31
C ALA A 137 -0.78 12.89 -27.18
N GLY A 138 -0.40 13.76 -26.24
CA GLY A 138 -1.13 14.99 -26.03
C GLY A 138 -2.13 14.85 -24.89
N ASN A 139 -2.34 13.61 -24.43
CA ASN A 139 -3.27 13.34 -23.35
C ASN A 139 -2.92 14.02 -22.03
N PHE A 140 -3.95 14.27 -21.23
CA PHE A 140 -3.80 14.85 -19.92
C PHE A 140 -4.95 14.32 -19.07
N TRP A 141 -4.62 13.60 -18.01
CA TRP A 141 -5.65 13.08 -17.12
C TRP A 141 -5.29 13.22 -15.66
N GLY A 142 -4.38 14.14 -15.34
CA GLY A 142 -4.02 14.34 -13.95
C GLY A 142 -2.56 14.61 -13.67
N ARG A 143 -2.20 14.61 -12.39
CA ARG A 143 -0.84 14.89 -11.95
C ARG A 143 -0.20 13.81 -11.08
N THR A 144 -0.81 12.63 -11.00
CA THR A 144 -0.24 11.57 -10.20
C THR A 144 0.95 10.97 -10.95
N LEU A 145 1.77 10.20 -10.25
CA LEU A 145 2.93 9.54 -10.84
C LEU A 145 2.54 8.72 -12.07
N SER A 146 1.34 8.15 -12.05
CA SER A 146 0.86 7.33 -13.17
C SER A 146 0.36 8.19 -14.32
N ALA A 147 -0.37 9.26 -13.98
CA ALA A 147 -0.91 10.16 -14.99
C ALA A 147 0.20 10.83 -15.77
N ILE A 148 1.28 11.23 -15.10
CA ILE A 148 2.39 11.86 -15.81
C ILE A 148 3.22 10.84 -16.58
N SER A 149 3.08 9.55 -16.25
CA SER A 149 3.83 8.50 -16.94
C SER A 149 3.36 8.31 -18.36
N SER A 150 2.10 8.62 -18.63
CA SER A 150 1.58 8.47 -19.99
C SER A 150 1.61 9.78 -20.76
N SER A 151 2.19 10.81 -20.14
CA SER A 151 2.26 12.13 -20.74
C SER A 151 3.42 12.28 -21.71
N THR A 152 3.23 13.13 -22.71
CA THR A 152 4.27 13.42 -23.69
C THR A 152 4.74 14.87 -23.47
N ASP A 153 4.24 15.50 -22.41
CA ASP A 153 4.57 16.87 -22.08
C ASP A 153 5.67 16.89 -21.01
N PRO A 154 6.89 17.32 -21.38
CA PRO A 154 8.01 17.38 -20.45
C PRO A 154 7.74 18.07 -19.12
N THR A 155 6.90 19.10 -19.12
CA THR A 155 6.59 19.85 -17.90
C THR A 155 5.90 19.04 -16.82
N SER A 156 5.20 17.97 -17.21
CA SER A 156 4.51 17.14 -16.22
C SER A 156 5.31 15.94 -15.72
N TYR A 157 6.23 15.43 -16.54
CA TYR A 157 7.01 14.26 -16.12
C TYR A 157 8.48 14.49 -15.84
N ASP A 158 9.05 15.53 -16.42
CA ASP A 158 10.47 15.80 -16.25
C ASP A 158 10.89 15.97 -14.80
N GLY A 159 11.82 15.12 -14.38
CA GLY A 159 12.33 15.19 -13.02
C GLY A 159 11.45 14.51 -11.99
N PHE A 160 10.46 13.74 -12.44
CA PHE A 160 9.58 13.08 -11.48
C PHE A 160 9.78 11.59 -11.27
N GLY A 161 11.05 11.22 -11.08
CA GLY A 161 11.44 9.84 -10.82
C GLY A 161 11.07 8.84 -11.88
N PRO A 162 11.33 7.55 -11.65
CA PRO A 162 11.01 6.47 -12.59
C PRO A 162 9.52 6.45 -12.88
N PHE A 163 9.14 5.99 -14.06
CA PHE A 163 7.75 5.98 -14.47
C PHE A 163 7.03 4.63 -14.43
N MET A 164 5.71 4.69 -14.44
CA MET A 164 4.85 3.51 -14.39
C MET A 164 4.98 2.68 -15.66
N PRO A 165 5.31 1.39 -15.51
CA PRO A 165 5.45 0.48 -16.65
C PRO A 165 4.07 0.05 -17.18
N GLY A 166 4.06 -0.45 -18.41
CA GLY A 166 2.81 -0.92 -19.00
C GLY A 166 1.98 0.10 -19.74
N PHE A 167 2.52 1.30 -19.98
CA PHE A 167 1.78 2.36 -20.69
C PHE A 167 2.38 2.58 -22.08
N ASP A 168 1.59 2.37 -23.13
CA ASP A 168 2.07 2.58 -24.50
C ASP A 168 1.45 3.87 -25.02
N ILE A 169 2.22 4.66 -25.75
CA ILE A 169 1.72 5.92 -26.29
C ILE A 169 1.77 5.93 -27.81
N ILE A 170 0.62 6.19 -28.43
CA ILE A 170 0.51 6.28 -29.89
C ILE A 170 0.05 7.70 -30.25
N PRO A 171 0.19 8.08 -31.53
CA PRO A 171 -0.25 9.42 -31.92
C PRO A 171 -1.78 9.55 -31.83
N TYR A 172 -2.25 10.74 -31.49
CA TYR A 172 -3.68 11.00 -31.38
C TYR A 172 -4.28 11.10 -32.78
N ASN A 173 -5.58 10.84 -32.91
CA ASN A 173 -6.28 10.95 -34.19
C ASN A 173 -5.57 10.13 -35.27
N ASP A 174 -5.27 8.87 -34.94
CA ASP A 174 -4.55 7.99 -35.85
C ASP A 174 -5.06 6.55 -35.72
N LEU A 175 -6.04 6.16 -36.53
CA LEU A 175 -6.58 4.79 -36.46
C LEU A 175 -5.54 3.72 -36.83
N PRO A 176 -4.69 3.99 -37.86
CA PRO A 176 -3.68 2.98 -38.24
C PRO A 176 -2.73 2.65 -37.09
N ALA A 177 -2.37 3.67 -36.32
CA ALA A 177 -1.46 3.50 -35.18
C ALA A 177 -2.13 2.69 -34.07
N LEU A 178 -3.44 2.88 -33.90
CA LEU A 178 -4.20 2.17 -32.89
C LEU A 178 -4.23 0.69 -33.24
N GLU A 179 -4.65 0.39 -34.47
CA GLU A 179 -4.73 -0.99 -34.93
C GLU A 179 -3.38 -1.70 -34.78
N ARG A 180 -2.33 -0.98 -35.15
CA ARG A 180 -0.97 -1.49 -35.07
C ARG A 180 -0.66 -1.83 -33.60
N ALA A 181 -1.00 -0.91 -32.70
CA ALA A 181 -0.77 -1.10 -31.26
C ALA A 181 -1.59 -2.22 -30.66
N LEU A 182 -2.81 -2.42 -31.16
CA LEU A 182 -3.71 -3.43 -30.63
C LEU A 182 -3.41 -4.85 -31.14
N GLN A 183 -2.26 -5.03 -31.76
CA GLN A 183 -1.84 -6.35 -32.24
C GLN A 183 -1.31 -7.14 -31.04
N ASP A 184 -0.85 -6.42 -30.02
CA ASP A 184 -0.34 -7.04 -28.81
C ASP A 184 -1.53 -7.54 -28.00
N PRO A 185 -1.66 -8.87 -27.85
CA PRO A 185 -2.76 -9.46 -27.09
C PRO A 185 -2.78 -9.14 -25.58
N ASN A 186 -1.76 -8.44 -25.09
CA ASN A 186 -1.66 -8.07 -23.67
C ASN A 186 -2.25 -6.71 -23.37
N VAL A 187 -2.78 -6.04 -24.39
CA VAL A 187 -3.38 -4.73 -24.20
C VAL A 187 -4.78 -4.92 -23.62
N ALA A 188 -5.03 -4.32 -22.47
CA ALA A 188 -6.33 -4.43 -21.83
C ALA A 188 -7.27 -3.28 -22.20
N ALA A 189 -6.72 -2.10 -22.45
CA ALA A 189 -7.54 -0.95 -22.78
C ALA A 189 -6.84 0.18 -23.53
N PHE A 190 -7.65 1.13 -23.99
CA PHE A 190 -7.19 2.32 -24.70
C PHE A 190 -7.98 3.46 -24.07
N MET A 191 -7.28 4.46 -23.54
CA MET A 191 -7.92 5.62 -22.92
C MET A 191 -7.71 6.84 -23.80
N VAL A 192 -8.78 7.54 -24.16
CA VAL A 192 -8.69 8.73 -25.00
C VAL A 192 -9.68 9.81 -24.62
N GLU A 193 -9.32 11.05 -24.94
CA GLU A 193 -10.20 12.18 -24.72
C GLU A 193 -10.86 12.39 -26.08
N PRO A 194 -12.19 12.56 -26.12
CA PRO A 194 -12.90 12.78 -27.39
C PRO A 194 -12.38 14.03 -28.10
N ILE A 195 -11.85 14.95 -27.30
CA ILE A 195 -11.27 16.22 -27.74
C ILE A 195 -10.22 16.48 -26.67
N GLN A 196 -8.98 16.73 -27.06
CA GLN A 196 -7.93 16.99 -26.07
C GLN A 196 -7.97 18.42 -25.57
N GLY A 197 -8.43 18.59 -24.34
CA GLY A 197 -8.53 19.90 -23.73
C GLY A 197 -7.24 20.64 -23.45
N GLU A 198 -6.48 20.18 -22.47
CA GLU A 198 -5.22 20.84 -22.08
C GLU A 198 -4.19 20.90 -23.22
N ALA A 199 -4.34 20.02 -24.20
CA ALA A 199 -3.43 20.01 -25.34
C ALA A 199 -3.63 21.29 -26.17
N GLY A 200 -4.84 21.84 -26.10
CA GLY A 200 -5.16 23.05 -26.84
C GLY A 200 -6.42 22.87 -27.65
N VAL A 201 -7.36 22.09 -27.12
CA VAL A 201 -8.63 21.79 -27.78
C VAL A 201 -8.41 21.20 -29.16
N VAL A 202 -7.63 20.12 -29.22
CA VAL A 202 -7.37 19.49 -30.50
C VAL A 202 -8.50 18.50 -30.79
N VAL A 203 -9.25 18.77 -31.85
CA VAL A 203 -10.40 17.95 -32.25
C VAL A 203 -9.99 16.91 -33.29
N PRO A 204 -10.32 15.65 -33.05
CA PRO A 204 -9.97 14.58 -34.00
C PRO A 204 -10.85 14.63 -35.24
N ASP A 205 -10.42 13.99 -36.33
CA ASP A 205 -11.19 13.97 -37.57
C ASP A 205 -12.49 13.18 -37.40
N PRO A 206 -13.54 13.58 -38.14
CA PRO A 206 -14.82 12.86 -38.04
C PRO A 206 -14.59 11.40 -38.43
N GLY A 207 -15.20 10.49 -37.69
CA GLY A 207 -15.03 9.07 -37.94
C GLY A 207 -14.01 8.44 -37.02
N TYR A 208 -13.21 9.25 -36.34
CA TYR A 208 -12.18 8.75 -35.44
C TYR A 208 -12.72 7.91 -34.27
N LEU A 209 -13.66 8.48 -33.51
CA LEU A 209 -14.23 7.77 -32.35
C LEU A 209 -14.93 6.49 -32.79
N MET A 210 -15.58 6.54 -33.94
CA MET A 210 -16.28 5.38 -34.47
C MET A 210 -15.27 4.29 -34.79
N GLY A 211 -14.11 4.71 -35.32
CA GLY A 211 -13.06 3.77 -35.63
C GLY A 211 -12.45 3.18 -34.38
N VAL A 212 -12.26 4.02 -33.36
CA VAL A 212 -11.69 3.57 -32.09
C VAL A 212 -12.60 2.51 -31.48
N ARG A 213 -13.90 2.76 -31.50
CA ARG A 213 -14.84 1.79 -30.96
C ARG A 213 -14.78 0.47 -31.73
N GLU A 214 -14.74 0.54 -33.06
CA GLU A 214 -14.67 -0.67 -33.89
C GLU A 214 -13.38 -1.43 -33.62
N LEU A 215 -12.25 -0.73 -33.62
CA LEU A 215 -10.95 -1.33 -33.38
C LEU A 215 -10.86 -2.00 -32.00
N CYS A 216 -11.29 -1.29 -30.96
CA CYS A 216 -11.27 -1.84 -29.61
C CYS A 216 -12.13 -3.10 -29.51
N THR A 217 -13.37 -3.02 -29.99
CA THR A 217 -14.28 -4.17 -29.95
C THR A 217 -13.66 -5.36 -30.67
N ARG A 218 -13.05 -5.11 -31.83
CA ARG A 218 -12.45 -6.16 -32.63
C ARG A 218 -11.31 -6.87 -31.93
N HIS A 219 -10.58 -6.16 -31.08
CA HIS A 219 -9.45 -6.75 -30.40
C HIS A 219 -9.71 -7.10 -28.95
N GLN A 220 -10.99 -7.13 -28.55
CA GLN A 220 -11.37 -7.44 -27.17
C GLN A 220 -10.58 -6.55 -26.20
N VAL A 221 -10.58 -5.26 -26.49
CA VAL A 221 -9.88 -4.25 -25.70
C VAL A 221 -10.91 -3.24 -25.22
N LEU A 222 -10.74 -2.77 -23.98
CA LEU A 222 -11.67 -1.79 -23.41
C LEU A 222 -11.43 -0.38 -23.91
N PHE A 223 -12.51 0.28 -24.29
CA PHE A 223 -12.49 1.65 -24.78
C PHE A 223 -12.85 2.56 -23.60
N ILE A 224 -11.86 3.28 -23.08
CA ILE A 224 -12.08 4.19 -21.96
C ILE A 224 -12.12 5.62 -22.50
N ALA A 225 -13.27 6.26 -22.38
CA ALA A 225 -13.43 7.63 -22.84
C ALA A 225 -13.33 8.59 -21.68
N ASP A 226 -12.33 9.45 -21.71
CA ASP A 226 -12.13 10.45 -20.68
C ASP A 226 -12.99 11.66 -21.03
N GLU A 227 -14.15 11.75 -20.39
CA GLU A 227 -15.08 12.85 -20.61
C GLU A 227 -15.09 13.82 -19.44
N ILE A 228 -14.01 13.85 -18.66
CA ILE A 228 -13.92 14.73 -17.50
C ILE A 228 -14.04 16.22 -17.84
N GLN A 229 -13.59 16.61 -19.03
CA GLN A 229 -13.67 18.01 -19.43
C GLN A 229 -14.59 18.27 -20.62
N THR A 230 -14.77 17.26 -21.47
CA THR A 230 -15.61 17.40 -22.65
C THR A 230 -17.08 17.03 -22.42
N GLY A 231 -17.33 16.23 -21.39
CA GLY A 231 -18.69 15.80 -21.11
C GLY A 231 -19.56 16.82 -20.44
N LEU A 232 -20.79 16.43 -20.11
CA LEU A 232 -21.75 17.28 -19.44
C LEU A 232 -22.08 18.60 -20.18
N ALA A 233 -22.61 18.44 -21.40
CA ALA A 233 -23.04 19.55 -22.26
C ALA A 233 -21.98 20.50 -22.83
N ARG A 234 -20.75 20.47 -22.31
CA ARG A 234 -19.69 21.36 -22.77
C ARG A 234 -19.49 21.45 -24.28
N THR A 235 -19.45 20.29 -24.95
CA THR A 235 -19.24 20.26 -26.40
C THR A 235 -20.50 20.40 -27.23
N GLY A 236 -21.67 20.32 -26.59
CA GLY A 236 -22.92 20.43 -27.31
C GLY A 236 -23.78 19.19 -27.19
N ARG A 237 -23.33 18.21 -26.42
CA ARG A 237 -24.07 16.95 -26.19
C ARG A 237 -23.79 16.54 -24.76
N TRP A 238 -24.48 15.49 -24.28
CA TRP A 238 -24.25 15.00 -22.92
C TRP A 238 -22.79 14.55 -22.81
N LEU A 239 -22.33 13.91 -23.88
CA LEU A 239 -20.95 13.41 -23.99
C LEU A 239 -20.48 13.74 -25.40
N ALA A 240 -19.23 14.19 -25.53
CA ALA A 240 -18.65 14.51 -26.84
C ALA A 240 -18.74 13.29 -27.76
N VAL A 241 -18.62 12.12 -27.14
CA VAL A 241 -18.70 10.84 -27.83
C VAL A 241 -20.04 10.65 -28.58
N ASP A 242 -21.07 11.34 -28.10
CA ASP A 242 -22.40 11.26 -28.70
C ASP A 242 -22.46 11.76 -30.14
N TYR A 243 -21.52 12.63 -30.53
CA TYR A 243 -21.49 13.15 -31.89
C TYR A 243 -21.31 12.03 -32.94
N GLU A 244 -20.67 10.94 -32.54
CA GLU A 244 -20.45 9.79 -33.43
C GLU A 244 -21.25 8.59 -32.96
N ASN A 245 -22.13 8.83 -32.00
CA ASN A 245 -23.01 7.80 -31.46
C ASN A 245 -22.28 6.54 -30.97
N VAL A 246 -21.12 6.68 -30.34
CA VAL A 246 -20.39 5.51 -29.85
C VAL A 246 -20.58 5.30 -28.36
N ARG A 247 -20.55 4.04 -27.92
CA ARG A 247 -20.70 3.70 -26.51
C ARG A 247 -19.41 3.12 -25.95
N PRO A 248 -18.64 3.92 -25.20
CA PRO A 248 -17.38 3.46 -24.60
C PRO A 248 -17.64 2.37 -23.58
N ASP A 249 -16.60 1.63 -23.21
CA ASP A 249 -16.74 0.56 -22.22
C ASP A 249 -16.73 1.17 -20.83
N ILE A 250 -15.99 2.25 -20.67
CA ILE A 250 -15.88 2.97 -19.40
C ILE A 250 -15.92 4.47 -19.72
N VAL A 251 -16.72 5.22 -18.96
CA VAL A 251 -16.81 6.67 -19.16
C VAL A 251 -16.36 7.36 -17.87
N LEU A 252 -15.53 8.38 -18.02
CA LEU A 252 -15.03 9.13 -16.86
C LEU A 252 -15.68 10.51 -16.83
N LEU A 253 -16.19 10.89 -15.67
CA LEU A 253 -16.83 12.19 -15.49
C LEU A 253 -16.20 12.89 -14.28
N GLY A 254 -16.23 14.21 -14.28
CA GLY A 254 -15.67 14.97 -13.19
C GLY A 254 -16.01 16.45 -13.38
N LYS A 255 -15.15 17.32 -12.90
CA LYS A 255 -15.33 18.77 -13.01
C LYS A 255 -16.74 19.35 -12.83
N ALA A 256 -17.49 19.47 -13.92
CA ALA A 256 -18.85 20.03 -13.88
C ALA A 256 -19.90 19.14 -13.21
N LEU A 257 -19.50 17.95 -12.78
CA LEU A 257 -20.42 17.03 -12.11
C LEU A 257 -20.98 17.61 -10.81
N SER A 258 -20.36 18.69 -10.33
CA SER A 258 -20.78 19.32 -9.10
C SER A 258 -21.02 20.84 -9.27
N GLY A 259 -20.79 21.32 -10.49
CA GLY A 259 -20.97 22.74 -10.74
C GLY A 259 -19.88 23.60 -10.11
N GLY A 260 -18.80 22.96 -9.66
CA GLY A 260 -17.72 23.68 -9.03
C GLY A 260 -17.86 23.90 -7.54
N LEU A 261 -18.86 23.24 -6.93
CA LEU A 261 -19.10 23.39 -5.51
C LEU A 261 -18.49 22.28 -4.63
N TYR A 262 -18.06 21.19 -5.26
CA TYR A 262 -17.51 20.08 -4.50
C TYR A 262 -16.75 19.14 -5.45
N PRO A 263 -15.62 18.56 -5.00
CA PRO A 263 -14.87 17.66 -5.87
C PRO A 263 -15.60 16.32 -6.01
N VAL A 264 -16.22 16.09 -7.16
CA VAL A 264 -16.94 14.84 -7.39
C VAL A 264 -16.58 14.29 -8.77
N SER A 265 -16.21 13.01 -8.84
CA SER A 265 -15.88 12.39 -10.11
C SER A 265 -16.55 11.02 -10.14
N ALA A 266 -16.58 10.40 -11.30
CA ALA A 266 -17.24 9.11 -11.41
C ALA A 266 -16.76 8.30 -12.62
N VAL A 267 -16.84 6.98 -12.48
CA VAL A 267 -16.46 6.09 -13.58
C VAL A 267 -17.66 5.15 -13.76
N LEU A 268 -18.17 5.08 -14.98
CA LEU A 268 -19.33 4.25 -15.28
C LEU A 268 -18.99 3.12 -16.23
N CYS A 269 -19.59 1.96 -15.98
CA CYS A 269 -19.40 0.78 -16.83
C CYS A 269 -20.34 -0.34 -16.40
N ASP A 270 -20.48 -1.35 -17.26
CA ASP A 270 -21.34 -2.48 -16.96
C ASP A 270 -20.74 -3.44 -15.95
N ASP A 271 -21.56 -4.37 -15.48
CA ASP A 271 -21.18 -5.35 -14.47
C ASP A 271 -19.94 -6.18 -14.75
N ASP A 272 -19.82 -6.69 -15.98
CA ASP A 272 -18.69 -7.52 -16.36
C ASP A 272 -17.33 -6.86 -16.13
N ILE A 273 -17.31 -5.53 -16.09
CA ILE A 273 -16.07 -4.81 -15.87
C ILE A 273 -16.01 -4.31 -14.43
N MET A 274 -17.11 -3.72 -13.98
CA MET A 274 -17.21 -3.15 -12.65
C MET A 274 -17.04 -4.16 -11.52
N LEU A 275 -17.63 -5.33 -11.68
CA LEU A 275 -17.57 -6.36 -10.65
C LEU A 275 -16.26 -7.13 -10.54
N THR A 276 -15.25 -6.74 -11.32
CA THR A 276 -13.96 -7.42 -11.24
C THR A 276 -13.28 -7.01 -9.92
N ILE A 277 -13.69 -5.86 -9.40
CA ILE A 277 -13.14 -5.36 -8.15
C ILE A 277 -14.07 -5.79 -7.01
N LYS A 278 -13.51 -6.57 -6.08
CA LYS A 278 -14.25 -7.10 -4.93
C LYS A 278 -14.17 -6.17 -3.71
N PRO A 279 -15.03 -6.41 -2.70
CA PRO A 279 -15.04 -5.58 -1.49
C PRO A 279 -13.66 -5.45 -0.87
N GLY A 280 -13.28 -4.21 -0.56
CA GLY A 280 -11.99 -3.93 0.04
C GLY A 280 -10.81 -3.78 -0.92
N GLU A 281 -11.05 -4.04 -2.20
CA GLU A 281 -9.99 -3.93 -3.19
C GLU A 281 -9.78 -2.54 -3.78
N HIS A 282 -10.57 -1.57 -3.35
CA HIS A 282 -10.44 -0.21 -3.85
C HIS A 282 -11.39 0.71 -3.08
N GLY A 283 -10.95 1.95 -2.84
CA GLY A 283 -11.80 2.89 -2.12
C GLY A 283 -11.30 4.32 -2.12
N SER A 284 -11.88 5.13 -1.23
CA SER A 284 -11.56 6.54 -1.07
C SER A 284 -12.31 7.03 0.18
N THR A 285 -11.67 7.85 1.01
CA THR A 285 -12.33 8.36 2.22
C THR A 285 -13.60 9.15 1.88
N TYR A 286 -13.46 10.24 1.12
CA TYR A 286 -14.60 11.07 0.75
C TYR A 286 -15.42 10.59 -0.44
N GLY A 287 -14.93 9.58 -1.14
CA GLY A 287 -15.64 9.08 -2.30
C GLY A 287 -17.03 8.58 -2.03
N GLY A 288 -18.03 9.28 -2.57
CA GLY A 288 -19.42 8.90 -2.38
C GLY A 288 -20.12 9.46 -1.15
N ASN A 289 -19.56 10.50 -0.53
CA ASN A 289 -20.17 11.10 0.66
C ASN A 289 -21.52 11.75 0.32
N PRO A 290 -22.45 11.79 1.30
CA PRO A 290 -23.79 12.37 1.15
C PRO A 290 -23.83 13.78 0.57
N LEU A 291 -22.95 14.65 1.06
CA LEU A 291 -22.89 16.03 0.60
C LEU A 291 -22.58 16.13 -0.90
N GLY A 292 -21.51 15.47 -1.33
CA GLY A 292 -21.13 15.50 -2.74
C GLY A 292 -22.21 14.93 -3.63
N CYS A 293 -22.93 13.93 -3.15
CA CYS A 293 -24.00 13.29 -3.93
C CYS A 293 -25.19 14.22 -4.17
N ARG A 294 -25.49 15.05 -3.18
CA ARG A 294 -26.61 15.98 -3.31
C ARG A 294 -26.29 17.04 -4.35
N VAL A 295 -25.08 17.60 -4.29
CA VAL A 295 -24.69 18.63 -5.26
C VAL A 295 -24.61 18.03 -6.66
N ALA A 296 -24.15 16.78 -6.77
CA ALA A 296 -24.05 16.11 -8.06
C ALA A 296 -25.41 15.94 -8.72
N ILE A 297 -26.40 15.47 -7.96
CA ILE A 297 -27.76 15.30 -8.47
C ILE A 297 -28.31 16.65 -8.95
N ALA A 298 -28.08 17.68 -8.15
CA ALA A 298 -28.52 19.04 -8.47
C ALA A 298 -27.84 19.57 -9.72
N ALA A 299 -26.52 19.39 -9.80
CA ALA A 299 -25.73 19.83 -10.94
C ALA A 299 -26.15 19.15 -12.24
N LEU A 300 -26.54 17.89 -12.15
CA LEU A 300 -26.97 17.16 -13.34
C LEU A 300 -28.34 17.65 -13.81
N GLU A 301 -29.21 17.95 -12.85
CA GLU A 301 -30.55 18.44 -13.17
C GLU A 301 -30.48 19.79 -13.89
N VAL A 302 -29.64 20.69 -13.39
CA VAL A 302 -29.48 22.01 -14.00
C VAL A 302 -29.13 21.87 -15.48
N LEU A 303 -28.20 20.96 -15.79
CA LEU A 303 -27.77 20.73 -17.17
C LEU A 303 -28.92 20.23 -18.03
N GLU A 304 -29.72 19.33 -17.49
CA GLU A 304 -30.85 18.78 -18.23
C GLU A 304 -31.99 19.77 -18.39
N GLU A 305 -32.52 20.25 -17.27
CA GLU A 305 -33.63 21.19 -17.24
C GLU A 305 -33.41 22.45 -18.07
N GLU A 306 -32.27 23.09 -17.91
CA GLU A 306 -32.00 24.31 -18.66
C GLU A 306 -31.48 24.07 -20.07
N ASN A 307 -31.57 22.82 -20.54
CA ASN A 307 -31.12 22.44 -21.88
C ASN A 307 -29.81 23.10 -22.30
N LEU A 308 -28.81 23.02 -21.43
CA LEU A 308 -27.51 23.63 -21.69
C LEU A 308 -26.73 23.03 -22.87
N ALA A 309 -27.04 21.78 -23.25
CA ALA A 309 -26.37 21.15 -24.38
C ALA A 309 -26.64 21.90 -25.67
N GLU A 310 -27.91 22.06 -26.00
CA GLU A 310 -28.31 22.76 -27.23
C GLU A 310 -27.88 24.22 -27.21
N ASN A 311 -27.91 24.86 -26.04
CA ASN A 311 -27.49 26.25 -25.93
C ASN A 311 -26.00 26.31 -26.29
N ALA A 312 -25.24 25.35 -25.77
CA ALA A 312 -23.80 25.26 -26.02
C ALA A 312 -23.50 25.04 -27.50
N ASP A 313 -24.30 24.20 -28.15
CA ASP A 313 -24.13 23.90 -29.56
C ASP A 313 -24.36 25.13 -30.44
N LYS A 314 -25.50 25.80 -30.25
CA LYS A 314 -25.86 26.99 -31.02
C LYS A 314 -24.84 28.11 -30.88
N LEU A 315 -24.59 28.52 -29.64
CA LEU A 315 -23.67 29.62 -29.39
C LEU A 315 -22.24 29.33 -29.81
N GLY A 316 -21.83 28.07 -29.70
CA GLY A 316 -20.47 27.70 -30.08
C GLY A 316 -20.27 28.01 -31.55
N ILE A 317 -21.28 27.68 -32.35
CA ILE A 317 -21.24 27.91 -33.78
C ILE A 317 -21.10 29.40 -34.09
N ILE A 318 -21.82 30.22 -33.33
CA ILE A 318 -21.76 31.68 -33.50
C ILE A 318 -20.36 32.14 -33.14
N LEU A 319 -19.88 31.71 -31.97
CA LEU A 319 -18.56 32.08 -31.48
C LEU A 319 -17.46 31.77 -32.48
N ARG A 320 -17.48 30.55 -33.03
CA ARG A 320 -16.46 30.16 -34.00
C ARG A 320 -16.53 30.97 -35.28
N ASN A 321 -17.73 31.16 -35.82
CA ASN A 321 -17.89 31.92 -37.05
C ASN A 321 -17.34 33.33 -36.88
N GLU A 322 -17.55 33.92 -35.71
CA GLU A 322 -17.07 35.28 -35.44
C GLU A 322 -15.55 35.35 -35.27
N LEU A 323 -14.97 34.35 -34.61
CA LEU A 323 -13.52 34.29 -34.40
C LEU A 323 -12.80 34.12 -35.72
N MET A 324 -13.41 33.38 -36.65
CA MET A 324 -12.82 33.14 -37.95
C MET A 324 -12.75 34.37 -38.85
N LYS A 325 -13.33 35.47 -38.40
CA LYS A 325 -13.31 36.72 -39.14
C LYS A 325 -12.04 37.51 -38.83
N LEU A 326 -11.36 37.15 -37.75
CA LEU A 326 -10.12 37.82 -37.38
C LEU A 326 -9.06 37.56 -38.44
N PRO A 327 -8.11 38.49 -38.59
CA PRO A 327 -7.02 38.39 -39.58
C PRO A 327 -6.06 37.21 -39.39
N SER A 328 -5.86 36.45 -40.46
CA SER A 328 -4.98 35.28 -40.47
C SER A 328 -3.56 35.52 -39.93
N ASP A 329 -3.04 36.73 -40.10
CA ASP A 329 -1.69 37.03 -39.63
C ASP A 329 -1.68 37.33 -38.13
N VAL A 330 -2.78 36.99 -37.48
CA VAL A 330 -2.95 37.19 -36.05
C VAL A 330 -3.46 35.88 -35.47
N VAL A 331 -4.62 35.43 -35.95
CA VAL A 331 -5.23 34.19 -35.52
C VAL A 331 -5.00 33.19 -36.66
N THR A 332 -4.11 32.24 -36.43
CA THR A 332 -3.80 31.24 -37.45
C THR A 332 -4.81 30.10 -37.47
N ALA A 333 -5.54 29.90 -36.38
CA ALA A 333 -6.53 28.83 -36.32
C ALA A 333 -7.61 29.04 -35.28
N VAL A 334 -8.80 28.50 -35.55
CA VAL A 334 -9.95 28.58 -34.66
C VAL A 334 -10.52 27.17 -34.64
N ARG A 335 -10.74 26.61 -33.45
CA ARG A 335 -11.26 25.25 -33.36
C ARG A 335 -12.05 24.97 -32.09
N GLY A 336 -12.88 23.94 -32.15
CA GLY A 336 -13.66 23.56 -31.00
C GLY A 336 -15.00 22.94 -31.35
N LYS A 337 -15.80 22.71 -30.31
CA LYS A 337 -17.13 22.14 -30.43
C LYS A 337 -17.89 22.70 -29.24
N GLY A 338 -19.13 23.12 -29.48
CA GLY A 338 -19.93 23.68 -28.41
C GLY A 338 -19.18 24.87 -27.82
N LEU A 339 -19.18 24.99 -26.50
CA LEU A 339 -18.45 26.09 -25.87
C LEU A 339 -17.04 25.74 -25.42
N LEU A 340 -16.46 24.72 -26.06
CA LEU A 340 -15.08 24.31 -25.79
C LEU A 340 -14.33 24.68 -27.06
N ASN A 341 -13.79 25.90 -27.10
CA ASN A 341 -13.08 26.37 -28.28
C ASN A 341 -11.73 26.96 -27.94
N ALA A 342 -10.93 27.22 -28.98
CA ALA A 342 -9.62 27.81 -28.82
C ALA A 342 -9.14 28.43 -30.13
N ILE A 343 -8.26 29.42 -30.04
CA ILE A 343 -7.70 30.07 -31.22
C ILE A 343 -6.18 30.01 -31.06
N VAL A 344 -5.47 29.93 -32.19
CA VAL A 344 -4.03 29.89 -32.15
C VAL A 344 -3.48 31.27 -32.56
N ILE A 345 -2.84 31.92 -31.60
CA ILE A 345 -2.26 33.23 -31.81
C ILE A 345 -0.87 33.09 -32.42
N LYS A 346 -0.65 33.76 -33.54
CA LYS A 346 0.67 33.72 -34.18
C LYS A 346 1.65 34.51 -33.32
N GLU A 347 2.40 33.81 -32.49
CA GLU A 347 3.38 34.44 -31.61
C GLU A 347 4.47 35.08 -32.47
N THR A 348 4.77 36.34 -32.19
CA THR A 348 5.79 37.04 -32.97
C THR A 348 6.82 37.75 -32.11
N LYS A 349 7.62 38.60 -32.75
CA LYS A 349 8.68 39.38 -32.13
C LYS A 349 8.08 40.49 -31.25
N ASP A 350 6.77 40.46 -31.08
CA ASP A 350 6.09 41.47 -30.28
C ASP A 350 5.13 40.86 -29.26
N TRP A 351 4.05 40.27 -29.75
CA TRP A 351 3.05 39.68 -28.89
C TRP A 351 3.08 38.16 -28.80
N ASP A 352 2.32 37.64 -27.85
CA ASP A 352 2.17 36.21 -27.60
C ASP A 352 0.82 36.04 -26.91
N ALA A 353 0.43 34.79 -26.67
CA ALA A 353 -0.86 34.51 -26.04
C ALA A 353 -1.05 35.13 -24.66
N TRP A 354 0.00 35.17 -23.86
CA TRP A 354 -0.05 35.74 -22.51
C TRP A 354 -0.46 37.22 -22.55
N LYS A 355 0.18 37.99 -23.44
CA LYS A 355 -0.10 39.42 -23.57
C LYS A 355 -1.53 39.69 -24.03
N VAL A 356 -2.03 38.85 -24.92
CA VAL A 356 -3.39 39.01 -25.39
C VAL A 356 -4.31 38.84 -24.18
N CYS A 357 -4.04 37.84 -23.36
CA CYS A 357 -4.84 37.58 -22.16
C CYS A 357 -4.72 38.70 -21.13
N LEU A 358 -3.56 39.34 -21.06
CA LEU A 358 -3.37 40.45 -20.13
C LEU A 358 -4.26 41.61 -20.56
N ARG A 359 -4.28 41.91 -21.86
CA ARG A 359 -5.09 43.00 -22.37
C ARG A 359 -6.58 42.64 -22.37
N LEU A 360 -6.87 41.37 -22.64
CA LEU A 360 -8.25 40.87 -22.66
C LEU A 360 -8.80 41.08 -21.25
N ARG A 361 -7.96 40.84 -20.25
CA ARG A 361 -8.30 41.03 -18.85
C ARG A 361 -8.62 42.50 -18.62
N ASP A 362 -7.76 43.37 -19.15
CA ASP A 362 -7.94 44.81 -19.01
C ASP A 362 -9.24 45.30 -19.65
N ASN A 363 -9.78 44.54 -20.60
CA ASN A 363 -11.02 44.93 -21.26
C ASN A 363 -12.26 44.23 -20.73
N GLY A 364 -12.10 43.47 -19.65
CA GLY A 364 -13.24 42.78 -19.04
C GLY A 364 -13.49 41.32 -19.36
N LEU A 365 -12.47 40.58 -19.81
CA LEU A 365 -12.66 39.18 -20.12
C LEU A 365 -11.49 38.33 -19.61
N LEU A 366 -11.79 37.21 -18.96
CA LEU A 366 -10.76 36.33 -18.43
C LEU A 366 -10.59 35.04 -19.21
N ALA A 367 -9.35 34.76 -19.60
CA ALA A 367 -8.99 33.55 -20.36
C ALA A 367 -7.55 33.17 -20.04
N LYS A 368 -7.13 31.99 -20.48
CA LYS A 368 -5.77 31.52 -20.21
C LYS A 368 -5.16 30.76 -21.39
N PRO A 369 -3.90 31.06 -21.70
CA PRO A 369 -3.15 30.42 -22.79
C PRO A 369 -2.73 29.00 -22.38
N THR A 370 -3.10 28.00 -23.17
CA THR A 370 -2.78 26.60 -22.85
C THR A 370 -1.33 26.20 -23.08
N HIS A 371 -0.82 26.40 -24.30
CA HIS A 371 0.55 26.02 -24.60
C HIS A 371 1.40 27.14 -25.23
N GLY A 372 1.48 28.28 -24.55
CA GLY A 372 2.27 29.39 -25.04
C GLY A 372 1.69 30.29 -26.12
N ASP A 373 0.93 29.72 -27.05
CA ASP A 373 0.34 30.50 -28.14
C ASP A 373 -1.12 30.15 -28.44
N ILE A 374 -1.71 29.33 -27.59
CA ILE A 374 -3.11 28.92 -27.78
C ILE A 374 -3.92 29.60 -26.69
N ILE A 375 -5.12 30.07 -27.03
CA ILE A 375 -5.99 30.73 -26.05
C ILE A 375 -7.35 30.05 -26.09
N ARG A 376 -7.75 29.51 -24.95
CA ARG A 376 -9.02 28.80 -24.85
C ARG A 376 -10.15 29.78 -24.55
N PHE A 377 -11.29 29.56 -25.18
CA PHE A 377 -12.48 30.39 -24.98
C PHE A 377 -13.60 29.46 -24.57
N ALA A 378 -13.79 29.31 -23.26
CA ALA A 378 -14.83 28.43 -22.71
C ALA A 378 -15.62 29.10 -21.60
N PRO A 379 -16.72 29.77 -21.95
CA PRO A 379 -17.59 30.45 -20.99
C PRO A 379 -18.68 29.52 -20.45
N PRO A 380 -19.19 29.80 -19.24
CA PRO A 380 -20.24 28.94 -18.66
C PRO A 380 -21.37 28.74 -19.66
N LEU A 381 -21.89 27.52 -19.71
CA LEU A 381 -22.97 27.18 -20.64
C LEU A 381 -24.29 27.93 -20.44
N VAL A 382 -24.35 28.80 -19.44
CA VAL A 382 -25.55 29.60 -19.18
C VAL A 382 -25.48 30.95 -19.89
N ILE A 383 -24.39 31.19 -20.61
CA ILE A 383 -24.21 32.45 -21.32
C ILE A 383 -25.30 32.64 -22.38
N LYS A 384 -25.72 33.89 -22.57
CA LYS A 384 -26.74 34.21 -23.55
C LYS A 384 -26.09 34.85 -24.77
N GLU A 385 -26.77 34.76 -25.91
CA GLU A 385 -26.27 35.30 -27.17
C GLU A 385 -25.78 36.75 -27.11
N ASP A 386 -26.58 37.61 -26.49
CA ASP A 386 -26.20 39.02 -26.37
C ASP A 386 -24.93 39.16 -25.56
N GLU A 387 -24.85 38.41 -24.47
CA GLU A 387 -23.67 38.44 -23.60
C GLU A 387 -22.47 37.90 -24.35
N LEU A 388 -22.71 36.88 -25.18
CA LEU A 388 -21.66 36.27 -25.99
C LEU A 388 -21.19 37.31 -27.01
N ARG A 389 -22.14 38.06 -27.57
CA ARG A 389 -21.85 39.09 -28.55
C ARG A 389 -20.97 40.19 -27.95
N GLU A 390 -21.29 40.60 -26.72
CA GLU A 390 -20.52 41.63 -26.05
C GLU A 390 -19.08 41.16 -25.84
N SER A 391 -18.92 39.91 -25.42
CA SER A 391 -17.60 39.34 -25.18
C SER A 391 -16.84 39.17 -26.49
N ILE A 392 -17.54 38.78 -27.55
CA ILE A 392 -16.92 38.63 -28.86
C ILE A 392 -16.33 39.98 -29.25
N GLU A 393 -17.07 41.06 -28.98
CA GLU A 393 -16.60 42.40 -29.28
C GLU A 393 -15.34 42.75 -28.51
N ILE A 394 -15.25 42.25 -27.27
CA ILE A 394 -14.09 42.50 -26.42
C ILE A 394 -12.88 41.75 -27.00
N ILE A 395 -13.13 40.52 -27.47
CA ILE A 395 -12.09 39.70 -28.07
C ILE A 395 -11.56 40.41 -29.33
N ASN A 396 -12.47 40.88 -30.17
CA ASN A 396 -12.11 41.59 -31.41
C ASN A 396 -11.29 42.84 -31.16
N LYS A 397 -11.77 43.73 -30.28
CA LYS A 397 -11.05 44.96 -30.00
C LYS A 397 -9.67 44.74 -29.40
N THR A 398 -9.53 43.70 -28.58
CA THR A 398 -8.26 43.39 -27.96
C THR A 398 -7.30 42.84 -29.02
N ILE A 399 -7.78 41.85 -29.77
CA ILE A 399 -6.98 41.23 -30.82
C ILE A 399 -6.48 42.26 -31.83
N LEU A 400 -7.41 43.09 -32.31
CA LEU A 400 -7.12 44.12 -33.29
C LEU A 400 -6.43 45.37 -32.74
N SER A 401 -6.05 45.36 -31.46
CA SER A 401 -5.39 46.51 -30.87
C SER A 401 -3.86 46.34 -30.80
N PHE A 402 -3.39 45.16 -31.18
CA PHE A 402 -1.96 44.88 -31.15
C PHE A 402 -1.27 45.30 -32.43
N PRO B 1 -37.61 5.00 2.10
CA PRO B 1 -36.98 3.69 1.84
C PRO B 1 -36.44 3.14 3.14
N THR B 2 -36.54 1.81 3.31
CA THR B 2 -36.04 1.16 4.50
C THR B 2 -34.56 0.88 4.32
N SER B 3 -33.87 0.55 5.40
CA SER B 3 -32.44 0.24 5.33
C SER B 3 -32.20 -0.84 4.27
N ASP B 4 -33.12 -1.80 4.19
CA ASP B 4 -33.02 -2.88 3.21
C ASP B 4 -33.14 -2.39 1.78
N ASP B 5 -33.98 -1.39 1.55
CA ASP B 5 -34.14 -0.85 0.21
C ASP B 5 -32.85 -0.12 -0.17
N ILE B 6 -32.31 0.60 0.81
CA ILE B 6 -31.06 1.33 0.62
C ILE B 6 -29.93 0.36 0.24
N PHE B 7 -29.77 -0.72 1.01
CA PHE B 7 -28.74 -1.72 0.76
C PHE B 7 -28.87 -2.29 -0.65
N GLU B 8 -30.10 -2.69 -0.98
CA GLU B 8 -30.43 -3.29 -2.28
C GLU B 8 -30.17 -2.37 -3.47
N ARG B 9 -30.51 -1.09 -3.33
CA ARG B 9 -30.33 -0.14 -4.40
C ARG B 9 -28.86 0.07 -4.75
N GLU B 10 -28.02 0.23 -3.73
CA GLU B 10 -26.58 0.43 -3.95
C GLU B 10 -25.97 -0.80 -4.62
N TYR B 11 -26.42 -1.98 -4.20
CA TYR B 11 -25.93 -3.24 -4.74
C TYR B 11 -26.19 -3.34 -6.24
N LYS B 12 -27.25 -2.69 -6.70
CA LYS B 12 -27.60 -2.75 -8.11
C LYS B 12 -26.97 -1.66 -8.99
N TYR B 13 -26.84 -0.45 -8.45
CA TYR B 13 -26.29 0.66 -9.21
C TYR B 13 -24.90 1.14 -8.85
N GLY B 14 -24.29 0.51 -7.85
CA GLY B 14 -22.95 0.91 -7.43
C GLY B 14 -21.96 -0.22 -7.45
N ALA B 15 -20.68 0.11 -7.63
CA ALA B 15 -19.60 -0.89 -7.65
C ALA B 15 -19.55 -1.60 -6.31
N HIS B 16 -19.12 -2.86 -6.31
CA HIS B 16 -19.04 -3.63 -5.07
C HIS B 16 -17.66 -3.57 -4.41
N ASN B 17 -16.99 -2.43 -4.50
CA ASN B 17 -15.66 -2.27 -3.92
C ASN B 17 -15.63 -2.13 -2.40
N TYR B 18 -16.80 -2.17 -1.80
CA TYR B 18 -16.93 -2.07 -0.34
C TYR B 18 -17.96 -3.08 0.14
N HIS B 19 -17.85 -3.45 1.41
CA HIS B 19 -18.81 -4.35 2.05
C HIS B 19 -18.98 -3.70 3.42
N PRO B 20 -19.89 -2.70 3.51
CA PRO B 20 -20.19 -1.95 4.72
C PRO B 20 -20.97 -2.69 5.78
N LEU B 21 -20.86 -2.20 7.02
CA LEU B 21 -21.60 -2.76 8.14
C LEU B 21 -23.03 -2.37 7.79
N PRO B 22 -23.96 -3.32 7.83
CA PRO B 22 -25.35 -3.00 7.50
C PRO B 22 -26.07 -2.00 8.41
N VAL B 23 -25.92 -0.71 8.09
CA VAL B 23 -26.56 0.38 8.81
C VAL B 23 -26.74 1.49 7.79
N ALA B 24 -27.92 2.10 7.76
CA ALA B 24 -28.19 3.16 6.80
C ALA B 24 -28.44 4.47 7.53
N LEU B 25 -27.38 5.28 7.67
CA LEU B 25 -27.49 6.56 8.36
C LEU B 25 -28.05 7.67 7.45
N GLU B 26 -28.64 8.69 8.07
CA GLU B 26 -29.20 9.81 7.31
C GLU B 26 -29.03 11.15 8.00
N ARG B 27 -28.51 11.11 9.22
CA ARG B 27 -28.30 12.32 9.98
C ARG B 27 -27.24 12.04 11.04
N GLY B 28 -26.42 13.03 11.34
CA GLY B 28 -25.39 12.86 12.33
C GLY B 28 -25.05 14.21 12.93
N LYS B 29 -24.79 14.23 14.23
CA LYS B 29 -24.46 15.47 14.91
C LYS B 29 -23.51 15.13 16.06
N GLY B 30 -22.39 15.83 16.14
CA GLY B 30 -21.42 15.55 17.19
C GLY B 30 -20.94 14.11 17.08
N ILE B 31 -21.08 13.38 18.18
CA ILE B 31 -20.66 11.99 18.25
C ILE B 31 -21.77 11.00 17.86
N TYR B 32 -22.94 11.51 17.50
CA TYR B 32 -24.08 10.65 17.17
C TYR B 32 -24.49 10.54 15.71
N LEU B 33 -25.06 9.39 15.37
CA LEU B 33 -25.54 9.11 14.02
C LEU B 33 -26.91 8.44 14.14
N TRP B 34 -27.85 8.88 13.33
CA TRP B 34 -29.22 8.33 13.33
C TRP B 34 -29.49 7.65 11.99
N ASP B 35 -29.99 6.42 12.03
CA ASP B 35 -30.30 5.72 10.78
C ASP B 35 -31.69 6.09 10.26
N VAL B 36 -32.14 5.46 9.19
CA VAL B 36 -33.45 5.77 8.62
C VAL B 36 -34.67 5.36 9.46
N GLU B 37 -34.46 4.52 10.48
CA GLU B 37 -35.55 4.10 11.35
C GLU B 37 -35.57 4.96 12.63
N GLY B 38 -34.72 5.98 12.67
CA GLY B 38 -34.67 6.84 13.84
C GLY B 38 -33.76 6.36 14.95
N ARG B 39 -33.21 5.15 14.81
CA ARG B 39 -32.31 4.60 15.81
C ARG B 39 -31.04 5.46 15.92
N LYS B 40 -30.66 5.77 17.16
CA LYS B 40 -29.49 6.60 17.47
C LYS B 40 -28.25 5.73 17.74
N TYR B 41 -27.07 6.23 17.35
CA TYR B 41 -25.83 5.47 17.56
C TYR B 41 -24.62 6.31 17.95
N PHE B 42 -23.68 5.68 18.65
CA PHE B 42 -22.43 6.32 19.04
C PHE B 42 -21.53 6.04 17.84
N ASP B 43 -20.83 7.05 17.34
CA ASP B 43 -19.93 6.81 16.21
C ASP B 43 -18.51 6.58 16.72
N PHE B 44 -18.04 5.34 16.59
CA PHE B 44 -16.69 5.00 17.03
C PHE B 44 -15.74 4.70 15.87
N LEU B 45 -15.96 5.39 14.76
CA LEU B 45 -15.12 5.25 13.58
C LEU B 45 -14.71 6.63 13.07
N SER B 46 -15.58 7.61 13.27
CA SER B 46 -15.36 8.99 12.85
C SER B 46 -15.00 9.10 11.38
N SER B 47 -15.54 8.20 10.56
CA SER B 47 -15.25 8.19 9.13
C SER B 47 -13.74 8.14 8.90
N TYR B 48 -13.10 7.17 9.56
CA TYR B 48 -11.65 6.98 9.46
C TYR B 48 -10.86 8.20 9.93
N SER B 49 -11.35 8.84 10.99
CA SER B 49 -10.71 10.02 11.58
C SER B 49 -10.90 11.33 10.83
N ALA B 50 -11.90 11.39 9.96
CA ALA B 50 -12.19 12.58 9.19
C ALA B 50 -13.06 13.58 9.97
N VAL B 51 -13.97 13.09 10.78
CA VAL B 51 -14.84 13.97 11.56
C VAL B 51 -14.42 14.07 13.04
N ASN B 52 -13.18 14.50 13.26
CA ASN B 52 -12.63 14.64 14.59
C ASN B 52 -13.42 15.65 15.42
N GLN B 53 -13.95 16.66 14.75
CA GLN B 53 -14.73 17.72 15.40
C GLN B 53 -16.20 17.37 15.56
N GLY B 54 -16.55 16.13 15.27
CA GLY B 54 -17.93 15.70 15.37
C GLY B 54 -18.65 16.04 14.09
N HIS B 55 -19.71 15.29 13.80
CA HIS B 55 -20.49 15.53 12.59
C HIS B 55 -21.15 16.90 12.58
N CYS B 56 -21.17 17.51 11.40
CA CYS B 56 -21.78 18.80 11.16
C CYS B 56 -21.51 19.85 12.24
N HIS B 57 -20.25 20.03 12.60
CA HIS B 57 -19.91 21.01 13.60
C HIS B 57 -20.37 22.38 13.10
N PRO B 58 -21.21 23.07 13.89
CA PRO B 58 -21.77 24.40 13.58
C PRO B 58 -20.82 25.45 13.01
N LYS B 59 -19.63 25.60 13.59
CA LYS B 59 -18.67 26.59 13.11
C LYS B 59 -18.17 26.31 11.69
N ILE B 60 -17.95 25.03 11.37
CA ILE B 60 -17.46 24.65 10.06
C ILE B 60 -18.61 24.77 9.06
N VAL B 61 -19.80 24.36 9.49
CA VAL B 61 -20.99 24.44 8.65
C VAL B 61 -21.27 25.89 8.28
N ASN B 62 -21.08 26.79 9.23
CA ASN B 62 -21.31 28.23 8.99
C ASN B 62 -20.36 28.79 7.96
N ALA B 63 -19.08 28.38 8.05
CA ALA B 63 -18.05 28.82 7.13
C ALA B 63 -18.36 28.37 5.70
N LEU B 64 -18.89 27.15 5.57
CA LEU B 64 -19.24 26.61 4.26
C LEU B 64 -20.42 27.39 3.69
N LYS B 65 -21.49 27.52 4.47
CA LYS B 65 -22.70 28.24 4.06
C LYS B 65 -22.41 29.69 3.68
N SER B 66 -21.46 30.30 4.38
CA SER B 66 -21.09 31.68 4.12
C SER B 66 -20.38 31.83 2.76
N GLN B 67 -19.28 31.11 2.59
CA GLN B 67 -18.49 31.18 1.36
C GLN B 67 -19.20 30.75 0.08
N VAL B 68 -20.11 29.78 0.16
CA VAL B 68 -20.82 29.31 -1.04
C VAL B 68 -21.61 30.37 -1.80
N ASP B 69 -22.00 31.44 -1.11
CA ASP B 69 -22.77 32.52 -1.73
C ASP B 69 -21.84 33.47 -2.46
N LYS B 70 -20.55 33.43 -2.11
CA LYS B 70 -19.57 34.32 -2.70
C LYS B 70 -18.78 33.75 -3.88
N LEU B 71 -18.04 32.66 -3.64
CA LEU B 71 -17.22 32.02 -4.66
C LEU B 71 -16.89 30.61 -4.20
N THR B 72 -16.77 29.68 -5.15
CA THR B 72 -16.46 28.29 -4.83
C THR B 72 -15.24 27.77 -5.57
N LEU B 73 -15.11 28.12 -6.85
CA LEU B 73 -13.99 27.68 -7.66
C LEU B 73 -13.61 28.59 -8.82
N THR B 74 -12.33 28.97 -8.88
CA THR B 74 -11.81 29.81 -9.94
C THR B 74 -10.70 29.08 -10.66
N SER B 75 -10.21 27.99 -10.03
CA SER B 75 -9.10 27.18 -10.50
C SER B 75 -7.88 28.02 -10.17
N ARG B 76 -6.69 27.41 -10.16
CA ARG B 76 -5.49 28.17 -9.82
C ARG B 76 -4.91 28.97 -11.00
N ALA B 77 -5.69 29.05 -12.08
CA ALA B 77 -5.28 29.81 -13.27
C ALA B 77 -5.38 31.28 -12.94
N PHE B 78 -6.25 31.62 -11.98
CA PHE B 78 -6.46 32.99 -11.52
C PHE B 78 -6.33 32.93 -10.00
N TYR B 79 -6.12 34.08 -9.37
CA TYR B 79 -6.03 34.12 -7.91
C TYR B 79 -7.43 34.36 -7.32
N ASN B 80 -7.60 33.94 -6.08
CA ASN B 80 -8.83 34.19 -5.34
C ASN B 80 -8.33 34.79 -4.03
N ASN B 81 -9.23 35.43 -3.30
CA ASN B 81 -8.87 36.09 -2.04
C ASN B 81 -8.65 35.21 -0.80
N VAL B 82 -9.25 34.02 -0.78
CA VAL B 82 -9.15 33.13 0.37
C VAL B 82 -7.87 32.30 0.54
N LEU B 83 -7.44 31.64 -0.53
CA LEU B 83 -6.25 30.78 -0.49
C LEU B 83 -5.05 31.29 0.30
N GLY B 84 -4.60 32.50 0.00
CA GLY B 84 -3.46 33.05 0.70
C GLY B 84 -3.66 33.22 2.20
N GLU B 85 -4.92 33.42 2.60
CA GLU B 85 -5.26 33.59 4.01
C GLU B 85 -5.08 32.25 4.70
N TYR B 86 -5.60 31.21 4.08
CA TYR B 86 -5.49 29.85 4.59
C TYR B 86 -4.02 29.46 4.70
N GLU B 87 -3.28 29.66 3.62
CA GLU B 87 -1.85 29.32 3.56
C GLU B 87 -1.04 29.92 4.70
N GLU B 88 -1.20 31.21 4.94
CA GLU B 88 -0.47 31.88 6.01
C GLU B 88 -0.81 31.29 7.37
N TYR B 89 -2.10 30.98 7.55
CA TYR B 89 -2.58 30.40 8.81
C TYR B 89 -1.98 29.03 9.09
N ILE B 90 -2.15 28.11 8.15
CA ILE B 90 -1.66 26.75 8.33
C ILE B 90 -0.13 26.60 8.40
N THR B 91 0.60 27.39 7.61
CA THR B 91 2.06 27.31 7.62
C THR B 91 2.60 27.80 8.96
N LYS B 92 2.02 28.87 9.49
CA LYS B 92 2.44 29.41 10.78
C LYS B 92 2.03 28.50 11.93
N LEU B 93 0.86 27.91 11.81
CA LEU B 93 0.35 27.01 12.84
C LEU B 93 1.29 25.81 13.01
N PHE B 94 1.69 25.20 11.89
CA PHE B 94 2.57 24.05 11.91
C PHE B 94 4.06 24.35 11.82
N ASN B 95 4.38 25.63 11.58
CA ASN B 95 5.76 26.09 11.48
C ASN B 95 6.58 25.50 10.33
N TYR B 96 6.11 25.77 9.12
CA TYR B 96 6.78 25.34 7.90
C TYR B 96 6.72 26.53 6.96
N HIS B 97 7.63 26.61 5.99
CA HIS B 97 7.64 27.75 5.06
C HIS B 97 6.40 27.85 4.18
N LYS B 98 6.07 26.75 3.51
CA LYS B 98 4.95 26.77 2.60
C LYS B 98 4.07 25.53 2.69
N VAL B 99 2.94 25.60 1.98
CA VAL B 99 2.00 24.50 1.93
C VAL B 99 1.57 24.37 0.48
N LEU B 100 1.33 23.13 0.06
CA LEU B 100 0.86 22.86 -1.30
C LEU B 100 -0.49 22.20 -1.05
N PRO B 101 -1.58 22.88 -1.44
CA PRO B 101 -2.94 22.38 -1.27
C PRO B 101 -3.41 21.36 -2.31
N MET B 102 -4.01 20.29 -1.83
CA MET B 102 -4.56 19.24 -2.68
C MET B 102 -5.93 18.88 -2.09
N ASN B 103 -6.58 17.87 -2.65
CA ASN B 103 -7.91 17.50 -2.18
C ASN B 103 -7.97 16.25 -1.30
N THR B 104 -7.65 15.11 -1.87
CA THR B 104 -7.69 13.85 -1.13
C THR B 104 -6.36 13.50 -0.47
N GLY B 105 -6.39 12.48 0.40
CA GLY B 105 -5.19 12.05 1.08
C GLY B 105 -4.12 11.47 0.15
N VAL B 106 -4.53 10.62 -0.79
CA VAL B 106 -3.58 10.00 -1.73
C VAL B 106 -2.85 11.09 -2.50
N GLU B 107 -3.58 12.13 -2.89
CA GLU B 107 -2.97 13.22 -3.64
C GLU B 107 -1.86 13.88 -2.83
N ALA B 108 -2.04 13.98 -1.52
CA ALA B 108 -1.02 14.59 -0.68
C ALA B 108 0.20 13.68 -0.72
N GLY B 109 -0.05 12.36 -0.72
CA GLY B 109 1.03 11.40 -0.76
C GLY B 109 1.79 11.45 -2.08
N GLU B 110 1.05 11.48 -3.20
CA GLU B 110 1.63 11.54 -4.53
C GLU B 110 2.50 12.79 -4.66
N THR B 111 1.99 13.90 -4.13
CA THR B 111 2.68 15.17 -4.17
C THR B 111 3.98 15.08 -3.35
N ALA B 112 3.93 14.37 -2.23
CA ALA B 112 5.11 14.20 -1.39
C ALA B 112 6.17 13.36 -2.13
N CYS B 113 5.73 12.32 -2.83
CA CYS B 113 6.63 11.47 -3.58
C CYS B 113 7.29 12.25 -4.70
N LYS B 114 6.53 13.15 -5.33
CA LYS B 114 7.05 13.98 -6.40
C LYS B 114 8.04 15.01 -5.87
N LEU B 115 7.75 15.56 -4.68
CA LEU B 115 8.66 16.54 -4.06
C LEU B 115 9.99 15.86 -3.74
N ALA B 116 9.93 14.68 -3.12
CA ALA B 116 11.13 13.92 -2.76
C ALA B 116 11.98 13.59 -3.98
N ARG B 117 11.35 13.06 -5.03
CA ARG B 117 12.05 12.70 -6.24
C ARG B 117 12.70 13.91 -6.92
N LYS B 118 11.92 14.97 -7.10
CA LYS B 118 12.41 16.21 -7.69
C LYS B 118 13.58 16.78 -6.88
N TRP B 119 13.44 16.76 -5.56
CA TRP B 119 14.49 17.25 -4.66
C TRP B 119 15.72 16.36 -4.79
N GLY B 120 15.49 15.06 -4.91
CA GLY B 120 16.60 14.13 -5.02
C GLY B 120 17.46 14.39 -6.23
N TYR B 121 16.84 14.69 -7.35
CA TYR B 121 17.54 14.97 -8.58
C TYR B 121 18.14 16.37 -8.62
N THR B 122 17.29 17.38 -8.44
CA THR B 122 17.73 18.77 -8.52
C THR B 122 18.57 19.30 -7.38
N VAL B 123 18.43 18.72 -6.19
CA VAL B 123 19.19 19.19 -5.04
C VAL B 123 20.23 18.19 -4.51
N LYS B 124 19.79 16.96 -4.24
CA LYS B 124 20.72 15.94 -3.74
C LYS B 124 21.73 15.50 -4.82
N GLY B 125 21.30 15.52 -6.08
CA GLY B 125 22.18 15.16 -7.17
C GLY B 125 22.05 13.75 -7.69
N ILE B 126 21.01 13.03 -7.31
CA ILE B 126 20.82 11.65 -7.76
C ILE B 126 20.65 11.62 -9.28
N GLN B 127 21.20 10.61 -9.95
CA GLN B 127 21.09 10.50 -11.40
C GLN B 127 19.64 10.29 -11.81
N LYS B 128 19.25 10.92 -12.90
CA LYS B 128 17.89 10.83 -13.40
C LYS B 128 17.24 9.46 -13.44
N TYR B 129 16.19 9.39 -12.61
CA TYR B 129 15.29 8.25 -12.43
C TYR B 129 15.83 7.05 -11.65
N LYS B 130 16.84 7.33 -10.83
CA LYS B 130 17.48 6.34 -9.96
C LYS B 130 17.04 6.56 -8.50
N ALA B 131 16.30 7.63 -8.25
CA ALA B 131 15.83 7.97 -6.91
C ALA B 131 14.86 6.96 -6.31
N LYS B 132 15.10 6.62 -5.05
CA LYS B 132 14.25 5.66 -4.34
C LYS B 132 13.56 6.30 -3.16
N ILE B 133 12.44 5.69 -2.74
CA ILE B 133 11.68 6.14 -1.58
C ILE B 133 11.40 4.86 -0.79
N VAL B 134 11.73 4.88 0.50
CA VAL B 134 11.52 3.72 1.37
C VAL B 134 10.20 3.84 2.13
N PHE B 135 9.53 2.71 2.28
CA PHE B 135 8.25 2.62 2.98
C PHE B 135 8.34 1.52 4.03
N ALA B 136 7.45 1.58 5.01
CA ALA B 136 7.42 0.57 6.06
C ALA B 136 6.26 -0.37 5.76
N ALA B 137 6.50 -1.67 5.92
CA ALA B 137 5.47 -2.67 5.68
C ALA B 137 4.27 -2.35 6.57
N GLY B 138 3.07 -2.57 6.05
CA GLY B 138 1.87 -2.28 6.80
C GLY B 138 1.31 -0.90 6.45
N ASN B 139 2.09 -0.12 5.72
CA ASN B 139 1.70 1.22 5.32
C ASN B 139 0.45 1.27 4.44
N PHE B 140 -0.26 2.39 4.54
CA PHE B 140 -1.45 2.63 3.73
C PHE B 140 -1.54 4.12 3.51
N TRP B 141 -1.47 4.54 2.26
CA TRP B 141 -1.58 5.96 1.95
C TRP B 141 -2.46 6.24 0.75
N GLY B 142 -3.31 5.30 0.38
CA GLY B 142 -4.20 5.53 -0.74
C GLY B 142 -4.49 4.34 -1.62
N ARG B 143 -5.15 4.60 -2.74
CA ARG B 143 -5.54 3.55 -3.66
C ARG B 143 -5.05 3.73 -5.09
N THR B 144 -4.15 4.69 -5.32
CA THR B 144 -3.63 4.91 -6.67
C THR B 144 -2.65 3.79 -7.00
N LEU B 145 -2.32 3.66 -8.29
CA LEU B 145 -1.38 2.65 -8.76
C LEU B 145 -0.04 2.72 -8.00
N SER B 146 0.35 3.94 -7.60
CA SER B 146 1.59 4.14 -6.87
C SER B 146 1.45 3.77 -5.40
N ALA B 147 0.32 4.18 -4.80
CA ALA B 147 0.06 3.89 -3.40
C ALA B 147 -0.01 2.39 -3.14
N ILE B 148 -0.62 1.64 -4.05
CA ILE B 148 -0.71 0.21 -3.87
C ILE B 148 0.62 -0.49 -4.18
N SER B 149 1.51 0.20 -4.89
CA SER B 149 2.82 -0.36 -5.24
C SER B 149 3.71 -0.52 -4.02
N SER B 150 3.51 0.33 -3.01
CA SER B 150 4.32 0.25 -1.80
C SER B 150 3.63 -0.57 -0.71
N SER B 151 2.47 -1.13 -1.03
CA SER B 151 1.67 -1.90 -0.09
C SER B 151 2.15 -3.33 0.06
N THR B 152 1.95 -3.89 1.26
CA THR B 152 2.30 -5.27 1.54
C THR B 152 1.01 -6.07 1.73
N ASP B 153 -0.12 -5.39 1.50
CA ASP B 153 -1.44 -6.00 1.64
C ASP B 153 -1.95 -6.47 0.29
N PRO B 154 -2.03 -7.79 0.07
CA PRO B 154 -2.50 -8.36 -1.19
C PRO B 154 -3.82 -7.79 -1.74
N THR B 155 -4.75 -7.44 -0.85
CA THR B 155 -6.05 -6.91 -1.26
C THR B 155 -5.98 -5.59 -2.00
N SER B 156 -4.92 -4.82 -1.79
CA SER B 156 -4.79 -3.54 -2.48
C SER B 156 -3.99 -3.58 -3.78
N TYR B 157 -3.06 -4.53 -3.91
CA TYR B 157 -2.24 -4.61 -5.13
C TYR B 157 -2.50 -5.82 -6.03
N ASP B 158 -3.03 -6.89 -5.47
CA ASP B 158 -3.25 -8.11 -6.24
C ASP B 158 -4.14 -7.89 -7.45
N GLY B 159 -3.60 -8.21 -8.62
CA GLY B 159 -4.35 -8.08 -9.85
C GLY B 159 -4.38 -6.67 -10.42
N PHE B 160 -3.57 -5.77 -9.89
CA PHE B 160 -3.57 -4.40 -10.38
C PHE B 160 -2.42 -3.96 -11.28
N GLY B 161 -2.11 -4.82 -12.25
CA GLY B 161 -1.07 -4.56 -13.24
C GLY B 161 0.31 -4.36 -12.68
N PRO B 162 1.30 -4.07 -13.54
CA PRO B 162 2.69 -3.85 -13.12
C PRO B 162 2.76 -2.70 -12.12
N PHE B 163 3.76 -2.75 -11.24
CA PHE B 163 3.87 -1.73 -10.20
C PHE B 163 4.94 -0.66 -10.42
N MET B 164 4.81 0.43 -9.66
CA MET B 164 5.72 1.56 -9.72
C MET B 164 7.11 1.18 -9.22
N PRO B 165 8.15 1.41 -10.04
CA PRO B 165 9.53 1.09 -9.67
C PRO B 165 10.09 2.16 -8.72
N GLY B 166 11.16 1.83 -8.02
CA GLY B 166 11.79 2.79 -7.11
C GLY B 166 11.26 2.83 -5.70
N PHE B 167 10.42 1.87 -5.32
CA PHE B 167 9.86 1.82 -3.96
C PHE B 167 10.46 0.66 -3.17
N ASP B 168 11.13 0.95 -2.06
CA ASP B 168 11.73 -0.10 -1.23
C ASP B 168 10.89 -0.24 0.03
N ILE B 169 10.67 -1.48 0.47
CA ILE B 169 9.85 -1.73 1.67
C ILE B 169 10.66 -2.41 2.76
N ILE B 170 10.70 -1.80 3.95
CA ILE B 170 11.40 -2.37 5.09
C ILE B 170 10.37 -2.61 6.20
N PRO B 171 10.72 -3.40 7.23
CA PRO B 171 9.77 -3.65 8.31
C PRO B 171 9.51 -2.37 9.12
N TYR B 172 8.29 -2.23 9.63
CA TYR B 172 7.91 -1.07 10.43
C TYR B 172 8.51 -1.18 11.83
N ASN B 173 8.72 -0.05 12.50
CA ASN B 173 9.27 -0.05 13.86
C ASN B 173 10.59 -0.84 13.92
N ASP B 174 11.50 -0.53 13.00
CA ASP B 174 12.79 -1.22 12.91
C ASP B 174 13.88 -0.25 12.47
N LEU B 175 14.58 0.34 13.42
CA LEU B 175 15.66 1.28 13.10
C LEU B 175 16.83 0.60 12.36
N PRO B 176 17.23 -0.62 12.77
CA PRO B 176 18.34 -1.29 12.08
C PRO B 176 18.06 -1.49 10.59
N ALA B 177 16.81 -1.79 10.25
CA ALA B 177 16.41 -2.01 8.86
C ALA B 177 16.44 -0.70 8.08
N LEU B 178 16.12 0.40 8.75
CA LEU B 178 16.12 1.71 8.11
C LEU B 178 17.56 2.09 7.77
N GLU B 179 18.44 2.01 8.75
CA GLU B 179 19.85 2.33 8.56
C GLU B 179 20.46 1.50 7.44
N ARG B 180 20.12 0.22 7.43
CA ARG B 180 20.60 -0.70 6.42
C ARG B 180 20.12 -0.23 5.04
N ALA B 181 18.85 0.13 4.95
CA ALA B 181 18.26 0.61 3.69
C ALA B 181 18.83 1.96 3.23
N LEU B 182 19.16 2.82 4.18
CA LEU B 182 19.70 4.15 3.86
C LEU B 182 21.17 4.16 3.48
N GLN B 183 21.73 2.98 3.22
CA GLN B 183 23.13 2.87 2.80
C GLN B 183 23.19 3.19 1.30
N ASP B 184 22.06 3.01 0.60
CA ASP B 184 21.98 3.31 -0.82
C ASP B 184 21.89 4.82 -0.98
N PRO B 185 22.91 5.45 -1.59
CA PRO B 185 22.94 6.90 -1.79
C PRO B 185 21.85 7.45 -2.73
N ASN B 186 21.09 6.56 -3.36
CA ASN B 186 20.01 6.96 -4.28
C ASN B 186 18.66 7.13 -3.61
N VAL B 187 18.62 6.91 -2.30
CA VAL B 187 17.37 7.06 -1.56
C VAL B 187 17.13 8.54 -1.30
N ALA B 188 15.99 9.05 -1.77
CA ALA B 188 15.65 10.45 -1.59
C ALA B 188 14.82 10.70 -0.31
N ALA B 189 14.00 9.73 0.06
CA ALA B 189 13.14 9.88 1.24
C ALA B 189 12.65 8.58 1.89
N PHE B 190 12.05 8.74 3.06
CA PHE B 190 11.44 7.65 3.81
C PHE B 190 10.10 8.19 4.26
N MET B 191 9.01 7.50 3.90
CA MET B 191 7.66 7.92 4.27
C MET B 191 7.11 6.94 5.33
N VAL B 192 6.66 7.46 6.46
CA VAL B 192 6.10 6.63 7.54
C VAL B 192 4.92 7.27 8.24
N GLU B 193 4.07 6.41 8.80
CA GLU B 193 2.92 6.85 9.58
C GLU B 193 3.42 6.74 11.01
N PRO B 194 3.22 7.79 11.84
CA PRO B 194 3.66 7.77 13.24
C PRO B 194 3.01 6.62 14.01
N ILE B 195 1.85 6.19 13.52
CA ILE B 195 1.06 5.07 14.05
C ILE B 195 0.34 4.58 12.81
N GLN B 196 0.42 3.29 12.53
CA GLN B 196 -0.24 2.74 11.36
C GLN B 196 -1.73 2.49 11.61
N GLY B 197 -2.56 3.36 11.03
CA GLY B 197 -4.00 3.26 11.18
C GLY B 197 -4.69 2.05 10.59
N GLU B 198 -4.78 1.98 9.27
CA GLU B 198 -5.45 0.87 8.59
C GLU B 198 -4.83 -0.50 8.89
N ALA B 199 -3.57 -0.51 9.30
CA ALA B 199 -2.89 -1.76 9.64
C ALA B 199 -3.54 -2.35 10.89
N GLY B 200 -4.12 -1.50 11.72
CA GLY B 200 -4.76 -1.96 12.95
C GLY B 200 -4.26 -1.18 14.15
N VAL B 201 -3.96 0.10 13.94
CA VAL B 201 -3.44 0.98 14.98
C VAL B 201 -2.18 0.40 15.63
N VAL B 202 -1.19 0.09 14.82
CA VAL B 202 0.05 -0.47 15.34
C VAL B 202 0.96 0.69 15.74
N VAL B 203 1.25 0.77 17.03
CA VAL B 203 2.07 1.83 17.59
C VAL B 203 3.53 1.40 17.70
N PRO B 204 4.45 2.22 17.17
CA PRO B 204 5.88 1.87 17.23
C PRO B 204 6.45 2.08 18.64
N ASP B 205 7.59 1.48 18.92
CA ASP B 205 8.20 1.60 20.24
C ASP B 205 8.69 3.02 20.49
N PRO B 206 8.68 3.46 21.76
CA PRO B 206 9.15 4.81 22.08
C PRO B 206 10.60 4.96 21.63
N GLY B 207 10.93 6.10 21.04
CA GLY B 207 12.27 6.32 20.54
C GLY B 207 12.39 6.07 19.04
N TYR B 208 11.40 5.40 18.47
CA TYR B 208 11.42 5.10 17.03
C TYR B 208 11.45 6.33 16.13
N LEU B 209 10.50 7.24 16.30
CA LEU B 209 10.44 8.45 15.48
C LEU B 209 11.70 9.30 15.63
N MET B 210 12.24 9.33 16.84
CA MET B 210 13.45 10.08 17.12
C MET B 210 14.61 9.45 16.34
N GLY B 211 14.62 8.12 16.27
CA GLY B 211 15.65 7.40 15.55
C GLY B 211 15.51 7.62 14.05
N VAL B 212 14.27 7.63 13.57
CA VAL B 212 14.02 7.86 12.15
C VAL B 212 14.53 9.23 11.75
N ARG B 213 14.26 10.23 12.57
CA ARG B 213 14.72 11.58 12.29
C ARG B 213 16.25 11.64 12.26
N GLU B 214 16.89 11.03 13.25
CA GLU B 214 18.35 11.01 13.32
C GLU B 214 18.96 10.31 12.10
N LEU B 215 18.44 9.12 11.78
CA LEU B 215 18.91 8.35 10.65
C LEU B 215 18.73 9.09 9.33
N CYS B 216 17.55 9.66 9.10
CA CYS B 216 17.30 10.40 7.87
C CYS B 216 18.24 11.59 7.72
N THR B 217 18.35 12.39 8.77
CA THR B 217 19.23 13.56 8.75
C THR B 217 20.68 13.13 8.45
N ARG B 218 21.11 12.05 9.08
CA ARG B 218 22.48 11.55 8.88
C ARG B 218 22.78 11.12 7.45
N HIS B 219 21.76 10.65 6.74
CA HIS B 219 21.98 10.19 5.37
C HIS B 219 21.48 11.15 4.32
N GLN B 220 21.20 12.39 4.71
CA GLN B 220 20.70 13.42 3.78
C GLN B 220 19.48 12.85 3.02
N VAL B 221 18.55 12.29 3.77
CA VAL B 221 17.33 11.69 3.24
C VAL B 221 16.15 12.44 3.86
N LEU B 222 15.10 12.66 3.07
CA LEU B 222 13.91 13.37 3.56
C LEU B 222 13.01 12.46 4.39
N PHE B 223 12.59 12.97 5.53
CA PHE B 223 11.70 12.28 6.46
C PHE B 223 10.28 12.77 6.17
N ILE B 224 9.46 11.94 5.54
CA ILE B 224 8.08 12.29 5.23
C ILE B 224 7.15 11.61 6.24
N ALA B 225 6.46 12.41 7.06
CA ALA B 225 5.54 11.88 8.05
C ALA B 225 4.12 11.98 7.55
N ASP B 226 3.49 10.82 7.38
CA ASP B 226 2.11 10.77 6.93
C ASP B 226 1.22 10.94 8.16
N GLU B 227 0.71 12.15 8.35
CA GLU B 227 -0.16 12.47 9.49
C GLU B 227 -1.61 12.65 9.06
N ILE B 228 -1.98 12.07 7.92
CA ILE B 228 -3.34 12.18 7.39
C ILE B 228 -4.42 11.63 8.32
N GLN B 229 -4.09 10.61 9.11
CA GLN B 229 -5.07 10.04 10.02
C GLN B 229 -4.69 10.22 11.49
N THR B 230 -3.39 10.35 11.78
CA THR B 230 -2.94 10.51 13.16
C THR B 230 -2.85 11.96 13.64
N GLY B 231 -2.75 12.88 12.68
CA GLY B 231 -2.62 14.28 13.03
C GLY B 231 -3.92 14.95 13.43
N LEU B 232 -3.83 16.25 13.71
CA LEU B 232 -4.98 17.05 14.10
C LEU B 232 -5.70 16.56 15.36
N ALA B 233 -4.97 16.55 16.47
CA ALA B 233 -5.48 16.16 17.80
C ALA B 233 -5.89 14.72 18.05
N ARG B 234 -6.07 13.93 16.99
CA ARG B 234 -6.49 12.54 17.13
C ARG B 234 -5.73 11.70 18.16
N THR B 235 -4.40 11.77 18.13
CA THR B 235 -3.59 10.99 19.06
C THR B 235 -3.33 11.64 20.41
N GLY B 236 -3.70 12.91 20.54
CA GLY B 236 -3.49 13.62 21.79
C GLY B 236 -2.57 14.81 21.65
N ARG B 237 -2.13 15.09 20.42
CA ARG B 237 -1.23 16.21 20.12
C ARG B 237 -1.62 16.75 18.74
N TRP B 238 -1.07 17.88 18.35
CA TRP B 238 -1.37 18.44 17.03
C TRP B 238 -0.94 17.42 15.98
N LEU B 239 0.20 16.78 16.24
CA LEU B 239 0.78 15.76 15.37
C LEU B 239 1.29 14.65 16.27
N ALA B 240 1.06 13.39 15.88
CA ALA B 240 1.53 12.23 16.66
C ALA B 240 3.04 12.34 16.86
N VAL B 241 3.72 12.89 15.86
CA VAL B 241 5.15 13.09 15.87
C VAL B 241 5.62 13.97 17.05
N ASP B 242 4.70 14.80 17.56
CA ASP B 242 5.00 15.69 18.68
C ASP B 242 5.35 14.95 19.97
N TYR B 243 4.90 13.70 20.10
CA TYR B 243 5.18 12.90 21.29
C TYR B 243 6.68 12.68 21.51
N GLU B 244 7.44 12.70 20.41
CA GLU B 244 8.89 12.53 20.47
C GLU B 244 9.63 13.81 20.06
N ASN B 245 8.85 14.87 19.91
CA ASN B 245 9.35 16.19 19.58
C ASN B 245 10.21 16.24 18.29
N VAL B 246 9.84 15.48 17.27
CA VAL B 246 10.61 15.46 16.02
C VAL B 246 9.97 16.33 14.94
N ARG B 247 10.81 16.91 14.08
CA ARG B 247 10.33 17.75 13.00
C ARG B 247 10.60 17.10 11.64
N PRO B 248 9.56 16.51 11.02
CA PRO B 248 9.72 15.87 9.71
C PRO B 248 10.09 16.89 8.64
N ASP B 249 10.59 16.42 7.51
CA ASP B 249 10.95 17.32 6.42
C ASP B 249 9.71 17.71 5.64
N ILE B 250 8.75 16.78 5.59
CA ILE B 250 7.48 16.98 4.90
C ILE B 250 6.38 16.36 5.77
N VAL B 251 5.29 17.11 5.99
CA VAL B 251 4.16 16.63 6.78
C VAL B 251 2.92 16.55 5.89
N LEU B 252 2.19 15.45 5.96
CA LEU B 252 0.99 15.27 5.17
C LEU B 252 -0.25 15.36 6.07
N LEU B 253 -1.22 16.18 5.66
CA LEU B 253 -2.46 16.37 6.42
C LEU B 253 -3.65 16.12 5.49
N GLY B 254 -4.76 15.67 6.06
CA GLY B 254 -5.95 15.41 5.26
C GLY B 254 -7.10 15.14 6.21
N LYS B 255 -8.04 14.30 5.76
CA LYS B 255 -9.21 13.92 6.56
C LYS B 255 -9.88 15.00 7.42
N ALA B 256 -9.47 15.11 8.69
CA ALA B 256 -10.05 16.07 9.62
C ALA B 256 -9.75 17.54 9.32
N LEU B 257 -8.95 17.79 8.29
CA LEU B 257 -8.58 19.15 7.91
C LEU B 257 -9.79 19.98 7.52
N SER B 258 -10.93 19.31 7.28
CA SER B 258 -12.15 19.98 6.88
C SER B 258 -13.33 19.61 7.77
N GLY B 259 -13.09 18.71 8.73
CA GLY B 259 -14.15 18.27 9.62
C GLY B 259 -15.15 17.35 8.92
N GLY B 260 -14.79 16.86 7.74
CA GLY B 260 -15.67 15.97 7.01
C GLY B 260 -16.65 16.67 6.09
N LEU B 261 -16.49 17.98 5.93
CA LEU B 261 -17.39 18.74 5.06
C LEU B 261 -16.88 18.98 3.64
N TYR B 262 -15.59 18.72 3.40
CA TYR B 262 -15.01 18.95 2.07
C TYR B 262 -13.66 18.22 1.96
N PRO B 263 -13.34 17.66 0.78
CA PRO B 263 -12.05 16.95 0.63
C PRO B 263 -10.91 17.96 0.56
N VAL B 264 -10.15 18.07 1.64
CA VAL B 264 -9.02 19.00 1.67
C VAL B 264 -7.80 18.28 2.26
N SER B 265 -6.67 18.37 1.58
CA SER B 265 -5.42 17.76 2.05
C SER B 265 -4.31 18.78 1.86
N ALA B 266 -3.16 18.53 2.47
CA ALA B 266 -2.06 19.46 2.37
C ALA B 266 -0.71 18.82 2.65
N VAL B 267 0.33 19.39 2.04
CA VAL B 267 1.68 18.92 2.27
C VAL B 267 2.50 20.15 2.66
N LEU B 268 3.16 20.08 3.80
CA LEU B 268 3.96 21.20 4.30
C LEU B 268 5.45 20.90 4.33
N CYS B 269 6.24 21.90 3.98
CA CYS B 269 7.70 21.78 4.01
C CYS B 269 8.36 23.13 3.74
N ASP B 270 9.64 23.21 4.01
CA ASP B 270 10.39 24.45 3.79
C ASP B 270 10.70 24.71 2.31
N ASP B 271 11.17 25.92 2.03
CA ASP B 271 11.49 26.35 0.67
C ASP B 271 12.43 25.48 -0.13
N ASP B 272 13.50 25.02 0.49
CA ASP B 272 14.49 24.19 -0.19
C ASP B 272 13.91 22.92 -0.82
N ILE B 273 12.77 22.47 -0.29
CA ILE B 273 12.13 21.28 -0.83
C ILE B 273 10.94 21.68 -1.70
N MET B 274 10.12 22.59 -1.18
CA MET B 274 8.93 23.06 -1.88
C MET B 274 9.20 23.72 -3.23
N LEU B 275 10.21 24.57 -3.27
CA LEU B 275 10.55 25.30 -4.48
C LEU B 275 11.23 24.52 -5.61
N THR B 276 11.39 23.20 -5.43
CA THR B 276 12.00 22.37 -6.45
C THR B 276 11.00 22.22 -7.60
N ILE B 277 9.72 22.40 -7.28
CA ILE B 277 8.67 22.31 -8.28
C ILE B 277 8.34 23.70 -8.81
N LYS B 278 8.55 23.89 -10.11
CA LYS B 278 8.33 25.19 -10.77
C LYS B 278 6.91 25.34 -11.30
N PRO B 279 6.52 26.57 -11.69
CA PRO B 279 5.18 26.81 -12.22
C PRO B 279 4.82 25.87 -13.37
N GLY B 280 3.64 25.28 -13.27
CA GLY B 280 3.17 24.36 -14.29
C GLY B 280 3.63 22.91 -14.16
N GLU B 281 4.51 22.64 -13.20
CA GLU B 281 5.03 21.29 -13.01
C GLU B 281 4.19 20.38 -12.10
N HIS B 282 3.09 20.92 -11.59
CA HIS B 282 2.21 20.14 -10.71
C HIS B 282 0.97 20.94 -10.37
N GLY B 283 -0.18 20.26 -10.25
CA GLY B 283 -1.41 20.97 -9.92
C GLY B 283 -2.59 20.07 -9.62
N SER B 284 -3.78 20.68 -9.61
CA SER B 284 -5.05 20.00 -9.33
C SER B 284 -6.17 21.00 -9.62
N THR B 285 -7.26 20.53 -10.21
CA THR B 285 -8.37 21.43 -10.52
C THR B 285 -8.95 22.08 -9.27
N TYR B 286 -9.45 21.27 -8.35
CA TYR B 286 -10.04 21.80 -7.10
C TYR B 286 -9.06 22.14 -5.99
N GLY B 287 -7.79 21.74 -6.16
CA GLY B 287 -6.79 22.02 -5.14
C GLY B 287 -6.63 23.49 -4.81
N GLY B 288 -6.98 23.86 -3.58
CA GLY B 288 -6.85 25.23 -3.14
C GLY B 288 -8.03 26.16 -3.42
N ASN B 289 -9.19 25.60 -3.75
CA ASN B 289 -10.36 26.42 -4.03
C ASN B 289 -10.84 27.19 -2.77
N PRO B 290 -11.45 28.37 -2.95
CA PRO B 290 -11.97 29.24 -1.88
C PRO B 290 -12.84 28.54 -0.85
N LEU B 291 -13.77 27.70 -1.32
CA LEU B 291 -14.68 27.00 -0.44
C LEU B 291 -13.95 26.05 0.52
N GLY B 292 -13.10 25.20 -0.01
CA GLY B 292 -12.34 24.27 0.82
C GLY B 292 -11.44 24.98 1.82
N CYS B 293 -10.91 26.14 1.44
CA CYS B 293 -10.04 26.91 2.32
C CYS B 293 -10.77 27.49 3.52
N ARG B 294 -12.02 27.89 3.32
CA ARG B 294 -12.82 28.46 4.41
C ARG B 294 -13.14 27.39 5.44
N VAL B 295 -13.55 26.21 4.96
CA VAL B 295 -13.88 25.13 5.89
C VAL B 295 -12.62 24.67 6.62
N ALA B 296 -11.49 24.66 5.93
CA ALA B 296 -10.22 24.25 6.54
C ALA B 296 -9.81 25.18 7.69
N ILE B 297 -9.88 26.49 7.46
CA ILE B 297 -9.56 27.47 8.50
C ILE B 297 -10.48 27.26 9.71
N ALA B 298 -11.76 27.07 9.44
CA ALA B 298 -12.75 26.84 10.48
C ALA B 298 -12.48 25.54 11.24
N ALA B 299 -12.21 24.47 10.51
CA ALA B 299 -11.93 23.15 11.10
C ALA B 299 -10.69 23.17 12.00
N LEU B 300 -9.70 23.97 11.62
CA LEU B 300 -8.47 24.09 12.41
C LEU B 300 -8.73 24.88 13.68
N GLU B 301 -9.56 25.91 13.59
CA GLU B 301 -9.90 26.73 14.76
C GLU B 301 -10.64 25.93 15.81
N VAL B 302 -11.60 25.12 15.38
CA VAL B 302 -12.38 24.28 16.30
C VAL B 302 -11.44 23.40 17.12
N LEU B 303 -10.45 22.79 16.46
CA LEU B 303 -9.49 21.92 17.15
C LEU B 303 -8.69 22.67 18.19
N GLU B 304 -8.27 23.88 17.85
CA GLU B 304 -7.50 24.71 18.76
C GLU B 304 -8.32 25.27 19.91
N GLU B 305 -9.36 26.02 19.58
CA GLU B 305 -10.24 26.66 20.55
C GLU B 305 -10.84 25.70 21.57
N GLU B 306 -11.39 24.58 21.11
CA GLU B 306 -12.01 23.62 22.00
C GLU B 306 -11.01 22.66 22.65
N ASN B 307 -9.72 22.97 22.53
CA ASN B 307 -8.64 22.14 23.09
C ASN B 307 -8.89 20.65 22.96
N LEU B 308 -9.22 20.21 21.75
CA LEU B 308 -9.50 18.80 21.49
C LEU B 308 -8.32 17.84 21.69
N ALA B 309 -7.09 18.35 21.63
CA ALA B 309 -5.90 17.52 21.81
C ALA B 309 -5.86 16.93 23.23
N GLU B 310 -5.91 17.81 24.22
CA GLU B 310 -5.87 17.38 25.62
C GLU B 310 -7.09 16.53 25.98
N ASN B 311 -8.25 16.86 25.43
CA ASN B 311 -9.45 16.07 25.70
C ASN B 311 -9.22 14.65 25.18
N ALA B 312 -8.63 14.57 23.98
CA ALA B 312 -8.33 13.28 23.35
C ALA B 312 -7.33 12.47 24.18
N ASP B 313 -6.33 13.15 24.72
CA ASP B 313 -5.31 12.52 25.53
C ASP B 313 -5.89 11.91 26.82
N LYS B 314 -6.63 12.71 27.57
CA LYS B 314 -7.26 12.29 28.83
C LYS B 314 -8.21 11.12 28.64
N LEU B 315 -9.19 11.30 27.78
CA LEU B 315 -10.19 10.27 27.53
C LEU B 315 -9.62 8.98 26.95
N GLY B 316 -8.60 9.10 26.13
CA GLY B 316 -7.99 7.91 25.54
C GLY B 316 -7.45 7.02 26.63
N ILE B 317 -6.80 7.63 27.61
CA ILE B 317 -6.23 6.91 28.73
C ILE B 317 -7.32 6.16 29.50
N ILE B 318 -8.47 6.81 29.69
CA ILE B 318 -9.59 6.21 30.39
C ILE B 318 -10.08 5.03 29.57
N LEU B 319 -10.31 5.28 28.28
CA LEU B 319 -10.79 4.24 27.36
C LEU B 319 -9.92 2.99 27.37
N ARG B 320 -8.61 3.19 27.26
CA ARG B 320 -7.69 2.06 27.25
C ARG B 320 -7.69 1.29 28.57
N ASN B 321 -7.64 2.01 29.68
CA ASN B 321 -7.64 1.35 30.98
C ASN B 321 -8.90 0.49 31.16
N GLU B 322 -10.03 0.98 30.66
CA GLU B 322 -11.28 0.23 30.78
C GLU B 322 -11.31 -0.99 29.87
N LEU B 323 -10.79 -0.85 28.65
CA LEU B 323 -10.75 -1.96 27.70
C LEU B 323 -9.85 -3.08 28.19
N MET B 324 -8.79 -2.72 28.89
CA MET B 324 -7.83 -3.70 29.42
C MET B 324 -8.38 -4.55 30.55
N LYS B 325 -9.60 -4.24 31.00
CA LYS B 325 -10.24 -5.00 32.07
C LYS B 325 -10.99 -6.18 31.50
N LEU B 326 -11.21 -6.18 30.18
CA LEU B 326 -11.91 -7.29 29.52
C LEU B 326 -11.05 -8.54 29.61
N PRO B 327 -11.69 -9.72 29.61
CA PRO B 327 -11.00 -11.02 29.70
C PRO B 327 -10.05 -11.35 28.54
N SER B 328 -8.82 -11.71 28.89
CA SER B 328 -7.78 -12.07 27.93
C SER B 328 -8.16 -13.10 26.88
N ASP B 329 -9.05 -14.03 27.23
CA ASP B 329 -9.47 -15.05 26.28
C ASP B 329 -10.52 -14.52 25.30
N VAL B 330 -10.66 -13.21 25.28
CA VAL B 330 -11.61 -12.52 24.41
C VAL B 330 -10.84 -11.40 23.71
N VAL B 331 -10.30 -10.48 24.50
CA VAL B 331 -9.52 -9.37 23.99
C VAL B 331 -8.07 -9.71 24.28
N THR B 332 -7.31 -10.03 23.24
CA THR B 332 -5.90 -10.39 23.39
C THR B 332 -4.99 -9.18 23.49
N ALA B 333 -5.45 -8.03 23.00
CA ALA B 333 -4.64 -6.81 23.05
C ALA B 333 -5.47 -5.54 22.95
N VAL B 334 -4.95 -4.48 23.56
CA VAL B 334 -5.56 -3.15 23.56
C VAL B 334 -4.42 -2.19 23.27
N ARG B 335 -4.61 -1.31 22.29
CA ARG B 335 -3.55 -0.37 21.93
C ARG B 335 -4.04 0.92 21.30
N GLY B 336 -3.20 1.95 21.36
CA GLY B 336 -3.54 3.23 20.79
C GLY B 336 -2.92 4.41 21.51
N LYS B 337 -3.33 5.59 21.07
CA LYS B 337 -2.88 6.86 21.65
C LYS B 337 -4.04 7.82 21.43
N GLY B 338 -4.36 8.61 22.44
CA GLY B 338 -5.46 9.56 22.32
C GLY B 338 -6.72 8.78 22.00
N LEU B 339 -7.53 9.29 21.07
CA LEU B 339 -8.74 8.59 20.69
C LEU B 339 -8.58 7.70 19.44
N LEU B 340 -7.34 7.29 19.17
CA LEU B 340 -7.06 6.39 18.05
C LEU B 340 -6.64 5.09 18.73
N ASN B 341 -7.59 4.20 18.98
CA ASN B 341 -7.31 2.95 19.66
C ASN B 341 -7.90 1.75 18.92
N ALA B 342 -7.52 0.57 19.37
CA ALA B 342 -8.01 -0.68 18.78
C ALA B 342 -7.79 -1.84 19.75
N ILE B 343 -8.62 -2.87 19.62
CA ILE B 343 -8.51 -4.06 20.45
C ILE B 343 -8.44 -5.25 19.51
N VAL B 344 -7.73 -6.30 19.92
CA VAL B 344 -7.62 -7.49 19.09
C VAL B 344 -8.52 -8.57 19.67
N ILE B 345 -9.54 -8.94 18.90
CA ILE B 345 -10.49 -9.95 19.29
C ILE B 345 -9.96 -11.34 18.93
N LYS B 346 -9.90 -12.23 19.91
CA LYS B 346 -9.43 -13.58 19.64
C LYS B 346 -10.49 -14.31 18.82
N GLU B 347 -10.29 -14.34 17.51
CA GLU B 347 -11.22 -15.00 16.59
C GLU B 347 -11.24 -16.50 16.90
N THR B 348 -12.44 -17.07 17.06
CA THR B 348 -12.55 -18.48 17.38
C THR B 348 -13.53 -19.23 16.48
N LYS B 349 -13.85 -20.45 16.88
CA LYS B 349 -14.77 -21.33 16.17
C LYS B 349 -16.22 -20.83 16.31
N ASP B 350 -16.38 -19.65 16.90
CA ASP B 350 -17.71 -19.08 17.10
C ASP B 350 -17.79 -17.64 16.62
N TRP B 351 -17.09 -16.74 17.32
CA TRP B 351 -17.13 -15.33 16.98
C TRP B 351 -15.89 -14.80 16.26
N ASP B 352 -16.01 -13.58 15.75
CA ASP B 352 -14.96 -12.88 15.06
C ASP B 352 -15.26 -11.40 15.21
N ALA B 353 -14.37 -10.54 14.72
CA ALA B 353 -14.54 -9.09 14.85
C ALA B 353 -15.83 -8.55 14.21
N TRP B 354 -16.22 -9.12 13.07
CA TRP B 354 -17.43 -8.69 12.36
C TRP B 354 -18.68 -8.86 13.22
N LYS B 355 -18.82 -10.03 13.83
CA LYS B 355 -19.96 -10.34 14.69
C LYS B 355 -20.04 -9.43 15.90
N VAL B 356 -18.90 -9.10 16.47
CA VAL B 356 -18.86 -8.21 17.61
C VAL B 356 -19.44 -6.87 17.17
N CYS B 357 -19.02 -6.42 15.99
CA CYS B 357 -19.48 -5.14 15.44
C CYS B 357 -20.97 -5.18 15.10
N LEU B 358 -21.46 -6.34 14.69
CA LEU B 358 -22.88 -6.49 14.38
C LEU B 358 -23.70 -6.30 15.67
N ARG B 359 -23.25 -6.95 16.75
CA ARG B 359 -23.94 -6.86 18.02
C ARG B 359 -23.76 -5.48 18.66
N LEU B 360 -22.57 -4.92 18.48
CA LEU B 360 -22.22 -3.60 19.02
C LEU B 360 -23.20 -2.60 18.39
N ARG B 361 -23.48 -2.81 17.12
CA ARG B 361 -24.40 -1.98 16.36
C ARG B 361 -25.78 -2.11 16.98
N ASP B 362 -26.17 -3.35 17.26
CA ASP B 362 -27.46 -3.64 17.86
C ASP B 362 -27.63 -2.99 19.23
N ASN B 363 -26.51 -2.69 19.90
CA ASN B 363 -26.55 -2.06 21.22
C ASN B 363 -26.33 -0.55 21.21
N GLY B 364 -26.28 0.04 20.01
CA GLY B 364 -26.09 1.47 19.91
C GLY B 364 -24.71 2.04 19.66
N LEU B 365 -23.79 1.24 19.12
CA LEU B 365 -22.45 1.75 18.86
C LEU B 365 -21.94 1.27 17.50
N LEU B 366 -21.36 2.19 16.72
CA LEU B 366 -20.84 1.84 15.39
C LEU B 366 -19.31 1.80 15.34
N ALA B 367 -18.78 0.70 14.84
CA ALA B 367 -17.34 0.48 14.70
C ALA B 367 -17.07 -0.46 13.52
N LYS B 368 -15.81 -0.59 13.12
CA LYS B 368 -15.47 -1.47 12.00
C LYS B 368 -14.17 -2.23 12.21
N PRO B 369 -14.17 -3.53 11.88
CA PRO B 369 -13.01 -4.41 12.00
C PRO B 369 -11.99 -4.11 10.88
N THR B 370 -10.74 -3.79 11.25
CA THR B 370 -9.72 -3.46 10.26
C THR B 370 -9.16 -4.63 9.47
N HIS B 371 -8.65 -5.65 10.18
CA HIS B 371 -8.08 -6.80 9.50
C HIS B 371 -8.62 -8.16 9.96
N GLY B 372 -9.95 -8.32 9.90
CA GLY B 372 -10.57 -9.56 10.29
C GLY B 372 -10.78 -9.87 11.76
N ASP B 373 -9.87 -9.42 12.62
CA ASP B 373 -9.99 -9.66 14.05
C ASP B 373 -9.63 -8.45 14.91
N ILE B 374 -9.43 -7.30 14.27
CA ILE B 374 -9.08 -6.08 14.99
C ILE B 374 -10.30 -5.16 14.92
N ILE B 375 -10.59 -4.45 16.00
CA ILE B 375 -11.72 -3.54 16.05
C ILE B 375 -11.21 -2.18 16.51
N ARG B 376 -11.38 -1.17 15.67
CA ARG B 376 -10.95 0.18 15.98
C ARG B 376 -12.00 0.92 16.81
N PHE B 377 -11.54 1.68 17.79
CA PHE B 377 -12.44 2.49 18.63
C PHE B 377 -11.95 3.93 18.54
N ALA B 378 -12.53 4.68 17.62
CA ALA B 378 -12.16 6.07 17.42
C ALA B 378 -13.36 7.01 17.31
N PRO B 379 -13.82 7.55 18.45
CA PRO B 379 -14.97 8.45 18.50
C PRO B 379 -14.55 9.92 18.30
N PRO B 380 -15.46 10.77 17.79
CA PRO B 380 -15.13 12.18 17.59
C PRO B 380 -14.49 12.78 18.85
N LEU B 381 -13.48 13.62 18.66
CA LEU B 381 -12.76 14.24 19.77
C LEU B 381 -13.57 15.17 20.66
N VAL B 382 -14.85 15.36 20.33
CA VAL B 382 -15.74 16.21 21.13
C VAL B 382 -16.49 15.40 22.18
N ILE B 383 -16.25 14.09 22.20
CA ILE B 383 -16.91 13.19 23.15
C ILE B 383 -16.58 13.59 24.60
N LYS B 384 -17.57 13.43 25.48
CA LYS B 384 -17.39 13.77 26.88
C LYS B 384 -17.22 12.50 27.69
N GLU B 385 -16.58 12.61 28.85
CA GLU B 385 -16.33 11.46 29.72
C GLU B 385 -17.55 10.60 30.04
N ASP B 386 -18.67 11.24 30.36
CA ASP B 386 -19.89 10.50 30.67
C ASP B 386 -20.35 9.73 29.45
N GLU B 387 -20.31 10.37 28.29
CA GLU B 387 -20.71 9.76 27.03
C GLU B 387 -19.77 8.60 26.71
N LEU B 388 -18.49 8.80 27.01
CA LEU B 388 -17.46 7.79 26.79
C LEU B 388 -17.77 6.60 27.71
N ARG B 389 -18.15 6.90 28.94
CA ARG B 389 -18.49 5.89 29.93
C ARG B 389 -19.68 5.05 29.48
N GLU B 390 -20.70 5.71 28.93
CA GLU B 390 -21.88 5.00 28.45
C GLU B 390 -21.50 4.03 27.33
N SER B 391 -20.68 4.50 26.40
CA SER B 391 -20.23 3.69 25.29
C SER B 391 -19.33 2.54 25.75
N ILE B 392 -18.48 2.81 26.74
CA ILE B 392 -17.61 1.78 27.30
C ILE B 392 -18.50 0.66 27.85
N GLU B 393 -19.60 1.03 28.48
CA GLU B 393 -20.53 0.06 29.02
C GLU B 393 -21.16 -0.79 27.92
N ILE B 394 -21.41 -0.17 26.76
CA ILE B 394 -21.98 -0.86 25.61
C ILE B 394 -20.96 -1.86 25.07
N ILE B 395 -19.69 -1.44 25.04
CA ILE B 395 -18.61 -2.29 24.57
C ILE B 395 -18.49 -3.52 25.49
N ASN B 396 -18.51 -3.27 26.80
CA ASN B 396 -18.42 -4.34 27.80
C ASN B 396 -19.56 -5.34 27.71
N LYS B 397 -20.80 -4.86 27.69
CA LYS B 397 -21.94 -5.76 27.62
C LYS B 397 -21.96 -6.59 26.35
N THR B 398 -21.53 -6.00 25.23
CA THR B 398 -21.50 -6.71 23.96
C THR B 398 -20.41 -7.78 23.98
N ILE B 399 -19.21 -7.38 24.36
CA ILE B 399 -18.07 -8.29 24.44
C ILE B 399 -18.38 -9.47 25.35
N LEU B 400 -18.88 -9.16 26.55
CA LEU B 400 -19.21 -10.18 27.54
C LEU B 400 -20.51 -10.96 27.29
N SER B 401 -21.16 -10.71 26.16
CA SER B 401 -22.39 -11.42 25.84
C SER B 401 -22.19 -12.58 24.89
N PHE B 402 -20.95 -12.75 24.42
CA PHE B 402 -20.63 -13.84 23.51
C PHE B 402 -20.27 -15.12 24.25
N PRO C 1 35.71 -31.14 37.30
CA PRO C 1 35.23 -29.74 37.35
C PRO C 1 33.72 -29.74 37.48
N THR C 2 33.19 -28.80 38.25
CA THR C 2 31.75 -28.69 38.45
C THR C 2 31.17 -27.90 37.29
N SER C 3 29.85 -27.92 37.14
CA SER C 3 29.19 -27.18 36.08
C SER C 3 29.61 -25.71 36.15
N ASP C 4 29.76 -25.20 37.36
CA ASP C 4 30.17 -23.81 37.56
C ASP C 4 31.59 -23.53 37.07
N ASP C 5 32.49 -24.50 37.23
CA ASP C 5 33.86 -24.34 36.78
C ASP C 5 33.85 -24.32 35.26
N ILE C 6 33.02 -25.21 34.69
CA ILE C 6 32.87 -25.30 33.25
C ILE C 6 32.37 -23.98 32.66
N PHE C 7 31.33 -23.42 33.26
CA PHE C 7 30.75 -22.15 32.82
C PHE C 7 31.79 -21.05 32.86
N GLU C 8 32.47 -20.96 33.99
CA GLU C 8 33.50 -19.96 34.24
C GLU C 8 34.70 -20.03 33.28
N ARG C 9 35.14 -21.25 32.98
CA ARG C 9 36.28 -21.44 32.10
C ARG C 9 36.00 -20.96 30.67
N GLU C 10 34.83 -21.31 30.14
CA GLU C 10 34.46 -20.89 28.80
C GLU C 10 34.35 -19.37 28.72
N TYR C 11 33.80 -18.77 29.77
CA TYR C 11 33.63 -17.33 29.84
C TYR C 11 34.97 -16.59 29.73
N LYS C 12 36.03 -17.23 30.19
CA LYS C 12 37.34 -16.61 30.17
C LYS C 12 38.16 -16.85 28.89
N TYR C 13 38.05 -18.05 28.32
CA TYR C 13 38.82 -18.40 27.14
C TYR C 13 38.06 -18.51 25.82
N GLY C 14 36.76 -18.28 25.85
CA GLY C 14 35.96 -18.38 24.64
C GLY C 14 35.16 -17.12 24.36
N ALA C 15 34.87 -16.89 23.08
CA ALA C 15 34.09 -15.73 22.66
C ALA C 15 32.70 -15.81 23.28
N HIS C 16 32.10 -14.65 23.55
CA HIS C 16 30.77 -14.60 24.16
C HIS C 16 29.64 -14.52 23.13
N ASN C 17 29.80 -15.19 21.99
CA ASN C 17 28.79 -15.16 20.94
C ASN C 17 27.54 -15.99 21.22
N TYR C 18 27.52 -16.65 22.37
CA TYR C 18 26.40 -17.48 22.79
C TYR C 18 26.10 -17.24 24.26
N HIS C 19 24.88 -17.53 24.66
CA HIS C 19 24.47 -17.44 26.06
C HIS C 19 23.62 -18.70 26.23
N PRO C 20 24.27 -19.82 26.53
CA PRO C 20 23.62 -21.13 26.71
C PRO C 20 22.82 -21.29 27.99
N LEU C 21 21.91 -22.26 27.97
CA LEU C 21 21.12 -22.60 29.13
C LEU C 21 22.17 -23.21 30.04
N PRO C 22 22.22 -22.77 31.31
CA PRO C 22 23.21 -23.30 32.24
C PRO C 22 23.09 -24.80 32.58
N VAL C 23 23.71 -25.63 31.75
CA VAL C 23 23.76 -27.08 31.93
C VAL C 23 25.07 -27.53 31.30
N ALA C 24 25.81 -28.39 31.99
CA ALA C 24 27.08 -28.88 31.47
C ALA C 24 27.01 -30.38 31.21
N LEU C 25 26.69 -30.75 29.97
CA LEU C 25 26.58 -32.16 29.61
C LEU C 25 27.95 -32.79 29.32
N GLU C 26 28.03 -34.11 29.47
CA GLU C 26 29.28 -34.84 29.22
C GLU C 26 29.07 -36.20 28.58
N ARG C 27 27.80 -36.61 28.48
CA ARG C 27 27.46 -37.89 27.89
C ARG C 27 26.02 -37.82 27.40
N GLY C 28 25.74 -38.52 26.31
CA GLY C 28 24.40 -38.53 25.77
C GLY C 28 24.20 -39.79 24.97
N LYS C 29 23.02 -40.37 25.07
CA LYS C 29 22.72 -41.60 24.35
C LYS C 29 21.23 -41.57 24.01
N GLY C 30 20.91 -41.82 22.74
CA GLY C 30 19.52 -41.78 22.32
C GLY C 30 18.92 -40.42 22.61
N ILE C 31 17.81 -40.42 23.34
CA ILE C 31 17.11 -39.18 23.70
C ILE C 31 17.58 -38.56 25.02
N TYR C 32 18.57 -39.16 25.65
CA TYR C 32 19.06 -38.67 26.94
C TYR C 32 20.42 -38.01 26.96
N LEU C 33 20.59 -37.10 27.92
CA LEU C 33 21.83 -36.37 28.13
C LEU C 33 22.11 -36.32 29.63
N TRP C 34 23.34 -36.60 30.02
CA TRP C 34 23.75 -36.60 31.42
C TRP C 34 24.76 -35.48 31.66
N ASP C 35 24.55 -34.67 32.68
CA ASP C 35 25.48 -33.59 32.98
C ASP C 35 26.65 -34.09 33.83
N VAL C 36 27.54 -33.19 34.25
CA VAL C 36 28.69 -33.59 35.06
C VAL C 36 28.40 -34.06 36.49
N GLU C 37 27.18 -33.82 36.96
CA GLU C 37 26.78 -34.26 38.30
C GLU C 37 26.00 -35.58 38.22
N GLY C 38 25.93 -36.15 37.02
CA GLY C 38 25.23 -37.40 36.83
C GLY C 38 23.75 -37.26 36.57
N ARG C 39 23.22 -36.04 36.66
CA ARG C 39 21.80 -35.79 36.42
C ARG C 39 21.43 -36.13 34.97
N LYS C 40 20.34 -36.86 34.81
CA LYS C 40 19.83 -37.31 33.51
C LYS C 40 18.79 -36.34 32.95
N TYR C 41 18.75 -36.17 31.64
CA TYR C 41 17.79 -35.25 31.02
C TYR C 41 17.21 -35.73 29.69
N PHE C 42 16.01 -35.25 29.39
CA PHE C 42 15.35 -35.56 28.11
C PHE C 42 15.86 -34.44 27.20
N ASP C 43 16.30 -34.79 25.99
CA ASP C 43 16.78 -33.75 25.08
C ASP C 43 15.66 -33.35 24.12
N PHE C 44 15.15 -32.14 24.29
CA PHE C 44 14.09 -31.64 23.44
C PHE C 44 14.54 -30.53 22.50
N LEU C 45 15.79 -30.60 22.09
CA LEU C 45 16.38 -29.64 21.16
C LEU C 45 17.07 -30.38 20.01
N SER C 46 17.61 -31.56 20.32
CA SER C 46 18.32 -32.40 19.36
C SER C 46 19.44 -31.64 18.64
N SER C 47 20.06 -30.69 19.33
CA SER C 47 21.13 -29.90 18.74
C SER C 47 20.64 -29.25 17.44
N TYR C 48 19.49 -28.57 17.53
CA TYR C 48 18.87 -27.90 16.40
C TYR C 48 18.54 -28.87 15.25
N SER C 49 18.07 -30.06 15.61
CA SER C 49 17.68 -31.09 14.65
C SER C 49 18.84 -31.85 13.98
N ALA C 50 20.02 -31.79 14.59
CA ALA C 50 21.19 -32.48 14.05
C ALA C 50 21.24 -33.96 14.48
N VAL C 51 20.80 -34.25 15.69
CA VAL C 51 20.81 -35.62 16.18
C VAL C 51 19.44 -36.28 16.15
N ASN C 52 18.84 -36.33 14.96
CA ASN C 52 17.53 -36.93 14.76
C ASN C 52 17.52 -38.41 15.15
N GLN C 53 18.65 -39.08 14.93
CA GLN C 53 18.80 -40.50 15.22
C GLN C 53 19.20 -40.78 16.66
N GLY C 54 19.18 -39.75 17.49
CA GLY C 54 19.55 -39.91 18.88
C GLY C 54 21.05 -39.78 19.02
N HIS C 55 21.50 -39.38 20.19
CA HIS C 55 22.93 -39.22 20.42
C HIS C 55 23.70 -40.54 20.32
N CYS C 56 24.89 -40.45 19.72
CA CYS C 56 25.78 -41.61 19.56
C CYS C 56 25.11 -42.89 19.10
N HIS C 57 24.31 -42.79 18.04
CA HIS C 57 23.64 -43.98 17.53
C HIS C 57 24.71 -44.98 17.12
N PRO C 58 24.66 -46.20 17.69
CA PRO C 58 25.61 -47.30 17.44
C PRO C 58 26.02 -47.56 15.99
N LYS C 59 25.05 -47.59 15.07
CA LYS C 59 25.36 -47.84 13.67
C LYS C 59 26.24 -46.76 13.03
N ILE C 60 25.99 -45.51 13.39
CA ILE C 60 26.76 -44.39 12.83
C ILE C 60 28.13 -44.38 13.49
N VAL C 61 28.15 -44.63 14.80
CA VAL C 61 29.39 -44.68 15.55
C VAL C 61 30.32 -45.76 14.99
N ASN C 62 29.73 -46.90 14.62
CA ASN C 62 30.50 -48.02 14.07
C ASN C 62 31.12 -47.65 12.74
N ALA C 63 30.37 -46.95 11.90
CA ALA C 63 30.83 -46.52 10.59
C ALA C 63 32.01 -45.56 10.72
N LEU C 64 31.94 -44.68 11.71
CA LEU C 64 33.00 -43.72 11.96
C LEU C 64 34.27 -44.46 12.42
N LYS C 65 34.12 -45.29 13.45
CA LYS C 65 35.22 -46.07 14.00
C LYS C 65 35.90 -46.97 12.96
N SER C 66 35.12 -47.49 12.04
CA SER C 66 35.63 -48.36 10.99
C SER C 66 36.49 -47.59 9.98
N GLN C 67 35.91 -46.56 9.38
CA GLN C 67 36.61 -45.75 8.39
C GLN C 67 37.86 -45.00 8.87
N VAL C 68 37.88 -44.56 10.13
CA VAL C 68 39.03 -43.82 10.65
C VAL C 68 40.37 -44.57 10.62
N ASP C 69 40.32 -45.89 10.59
CA ASP C 69 41.54 -46.71 10.56
C ASP C 69 42.04 -46.83 9.13
N LYS C 70 41.19 -46.56 8.16
CA LYS C 70 41.55 -46.67 6.76
C LYS C 70 41.99 -45.37 6.09
N LEU C 71 41.11 -44.37 6.08
CA LEU C 71 41.38 -43.08 5.44
C LEU C 71 40.40 -42.04 5.97
N THR C 72 40.82 -40.80 6.08
CA THR C 72 39.95 -39.74 6.56
C THR C 72 39.87 -38.55 5.60
N LEU C 73 41.01 -38.18 5.00
CA LEU C 73 41.04 -37.04 4.08
C LEU C 73 42.15 -37.09 3.04
N THR C 74 41.77 -36.96 1.77
CA THR C 74 42.71 -36.96 0.66
C THR C 74 42.58 -35.64 -0.10
N SER C 75 41.49 -34.92 0.18
CA SER C 75 41.14 -33.66 -0.49
C SER C 75 40.59 -34.11 -1.84
N ARG C 76 39.87 -33.25 -2.54
CA ARG C 76 39.31 -33.65 -3.83
C ARG C 76 40.30 -33.52 -4.98
N ALA C 77 41.58 -33.30 -4.64
CA ALA C 77 42.63 -33.20 -5.64
C ALA C 77 42.89 -34.61 -6.19
N PHE C 78 42.58 -35.62 -5.38
CA PHE C 78 42.74 -37.02 -5.75
C PHE C 78 41.39 -37.66 -5.45
N TYR C 79 41.14 -38.84 -6.03
CA TYR C 79 39.90 -39.56 -5.77
C TYR C 79 40.09 -40.49 -4.58
N ASN C 80 38.99 -40.81 -3.93
CA ASN C 80 38.99 -41.77 -2.83
C ASN C 80 37.89 -42.74 -3.21
N ASN C 81 37.89 -43.92 -2.60
CA ASN C 81 36.89 -44.95 -2.91
C ASN C 81 35.47 -44.77 -2.36
N VAL C 82 35.33 -44.02 -1.27
CA VAL C 82 34.02 -43.83 -0.64
C VAL C 82 33.05 -42.82 -1.27
N LEU C 83 33.55 -41.62 -1.57
CA LEU C 83 32.69 -40.55 -2.14
C LEU C 83 31.69 -40.96 -3.21
N GLY C 84 32.13 -41.65 -4.25
CA GLY C 84 31.23 -42.07 -5.30
C GLY C 84 30.13 -43.00 -4.84
N GLU C 85 30.40 -43.77 -3.79
CA GLU C 85 29.44 -44.71 -3.23
C GLU C 85 28.34 -43.91 -2.56
N TYR C 86 28.74 -42.92 -1.77
CA TYR C 86 27.80 -42.04 -1.08
C TYR C 86 26.93 -41.30 -2.10
N GLU C 87 27.58 -40.69 -3.08
CA GLU C 87 26.90 -39.93 -4.13
C GLU C 87 25.79 -40.70 -4.81
N GLU C 88 26.09 -41.91 -5.26
CA GLU C 88 25.10 -42.74 -5.94
C GLU C 88 23.92 -43.04 -5.02
N TYR C 89 24.21 -43.29 -3.76
CA TYR C 89 23.18 -43.60 -2.76
C TYR C 89 22.23 -42.43 -2.51
N ILE C 90 22.78 -41.27 -2.17
CA ILE C 90 21.98 -40.10 -1.87
C ILE C 90 21.20 -39.52 -3.06
N THR C 91 21.80 -39.55 -4.26
CA THR C 91 21.13 -39.02 -5.44
C THR C 91 19.93 -39.88 -5.79
N LYS C 92 20.09 -41.20 -5.70
CA LYS C 92 19.00 -42.12 -6.01
C LYS C 92 17.93 -42.06 -4.94
N LEU C 93 18.34 -41.94 -3.68
CA LEU C 93 17.41 -41.86 -2.57
C LEU C 93 16.47 -40.66 -2.73
N PHE C 94 17.04 -39.50 -3.06
CA PHE C 94 16.24 -38.29 -3.23
C PHE C 94 15.77 -38.02 -4.65
N ASN C 95 16.26 -38.81 -5.59
CA ASN C 95 15.89 -38.70 -7.00
C ASN C 95 16.30 -37.41 -7.70
N TYR C 96 17.60 -37.18 -7.72
CA TYR C 96 18.20 -36.01 -8.39
C TYR C 96 19.40 -36.54 -9.14
N HIS C 97 19.83 -35.84 -10.19
CA HIS C 97 20.97 -36.29 -10.97
C HIS C 97 22.29 -36.35 -10.19
N LYS C 98 22.65 -35.24 -9.55
CA LYS C 98 23.90 -35.17 -8.84
C LYS C 98 23.80 -34.50 -7.48
N VAL C 99 24.90 -34.57 -6.73
CA VAL C 99 24.99 -33.97 -5.42
C VAL C 99 26.35 -33.28 -5.34
N LEU C 100 26.41 -32.16 -4.64
CA LEU C 100 27.64 -31.43 -4.46
C LEU C 100 27.82 -31.45 -2.95
N PRO C 101 28.84 -32.18 -2.46
CA PRO C 101 29.12 -32.29 -1.02
C PRO C 101 29.86 -31.13 -0.40
N MET C 102 29.37 -30.69 0.76
CA MET C 102 29.97 -29.60 1.50
C MET C 102 29.98 -30.04 2.96
N ASN C 103 30.39 -29.16 3.86
CA ASN C 103 30.46 -29.51 5.27
C ASN C 103 29.34 -28.96 6.15
N THR C 104 29.30 -27.65 6.30
CA THR C 104 28.28 -26.99 7.13
C THR C 104 27.03 -26.60 6.34
N GLY C 105 25.99 -26.21 7.07
CA GLY C 105 24.74 -25.80 6.45
C GLY C 105 24.85 -24.52 5.61
N VAL C 106 25.54 -23.51 6.13
CA VAL C 106 25.70 -22.26 5.38
C VAL C 106 26.39 -22.53 4.06
N GLU C 107 27.38 -23.40 4.07
CA GLU C 107 28.10 -23.72 2.85
C GLU C 107 27.16 -24.29 1.80
N ALA C 108 26.19 -25.08 2.22
CA ALA C 108 25.23 -25.65 1.27
C ALA C 108 24.42 -24.50 0.69
N GLY C 109 24.11 -23.52 1.52
CA GLY C 109 23.36 -22.36 1.09
C GLY C 109 24.14 -21.52 0.10
N GLU C 110 25.39 -21.22 0.43
CA GLU C 110 26.28 -20.42 -0.43
C GLU C 110 26.41 -21.10 -1.78
N THR C 111 26.57 -22.42 -1.76
CA THR C 111 26.71 -23.21 -2.97
C THR C 111 25.45 -23.10 -3.81
N ALA C 112 24.29 -23.10 -3.15
CA ALA C 112 23.01 -22.99 -3.85
C ALA C 112 22.89 -21.61 -4.52
N CYS C 113 23.33 -20.57 -3.81
CA CYS C 113 23.29 -19.22 -4.34
C CYS C 113 24.20 -19.10 -5.55
N LYS C 114 25.36 -19.76 -5.48
CA LYS C 114 26.30 -19.74 -6.59
C LYS C 114 25.75 -20.51 -7.79
N LEU C 115 25.08 -21.64 -7.54
CA LEU C 115 24.48 -22.43 -8.62
C LEU C 115 23.40 -21.61 -9.33
N ALA C 116 22.54 -20.95 -8.55
CA ALA C 116 21.45 -20.14 -9.09
C ALA C 116 21.98 -18.99 -9.96
N ARG C 117 22.95 -18.25 -9.43
CA ARG C 117 23.55 -17.14 -10.14
C ARG C 117 24.23 -17.60 -11.44
N LYS C 118 25.08 -18.62 -11.34
CA LYS C 118 25.77 -19.17 -12.50
C LYS C 118 24.77 -19.64 -13.56
N TRP C 119 23.71 -20.31 -13.12
CA TRP C 119 22.68 -20.82 -14.00
C TRP C 119 21.95 -19.64 -14.64
N GLY C 120 21.70 -18.60 -13.84
CA GLY C 120 21.01 -17.44 -14.35
C GLY C 120 21.73 -16.79 -15.51
N TYR C 121 23.05 -16.69 -15.39
CA TYR C 121 23.87 -16.08 -16.44
C TYR C 121 24.11 -16.99 -17.64
N THR C 122 24.66 -18.17 -17.37
CA THR C 122 25.00 -19.12 -18.42
C THR C 122 23.83 -19.82 -19.10
N VAL C 123 22.72 -19.98 -18.40
CA VAL C 123 21.56 -20.67 -18.99
C VAL C 123 20.36 -19.78 -19.24
N LYS C 124 19.90 -19.06 -18.21
CA LYS C 124 18.75 -18.18 -18.37
C LYS C 124 19.06 -16.99 -19.26
N GLY C 125 20.30 -16.52 -19.24
CA GLY C 125 20.70 -15.39 -20.08
C GLY C 125 20.72 -14.03 -19.43
N ILE C 126 20.63 -13.99 -18.10
CA ILE C 126 20.64 -12.72 -17.37
C ILE C 126 21.99 -12.01 -17.59
N GLN C 127 21.97 -10.68 -17.72
CA GLN C 127 23.22 -9.94 -17.94
C GLN C 127 24.10 -10.02 -16.70
N LYS C 128 25.40 -10.13 -16.95
CA LYS C 128 26.37 -10.24 -15.89
C LYS C 128 26.24 -9.32 -14.69
N TYR C 129 25.97 -10.01 -13.59
CA TYR C 129 25.83 -9.48 -12.24
C TYR C 129 24.56 -8.73 -11.90
N LYS C 130 23.53 -9.01 -12.71
CA LYS C 130 22.20 -8.43 -12.53
C LYS C 130 21.24 -9.46 -11.92
N ALA C 131 21.71 -10.69 -11.74
CA ALA C 131 20.90 -11.77 -11.18
C ALA C 131 20.49 -11.55 -9.73
N LYS C 132 19.22 -11.83 -9.44
CA LYS C 132 18.68 -11.68 -8.10
C LYS C 132 18.18 -13.00 -7.53
N ILE C 133 18.13 -13.06 -6.21
CA ILE C 133 17.64 -14.23 -5.50
C ILE C 133 16.68 -13.69 -4.44
N VAL C 134 15.46 -14.23 -4.42
CA VAL C 134 14.44 -13.78 -3.47
C VAL C 134 14.42 -14.68 -2.24
N PHE C 135 14.22 -14.06 -1.08
CA PHE C 135 14.17 -14.75 0.21
C PHE C 135 12.89 -14.33 0.93
N ALA C 136 12.47 -15.15 1.88
CA ALA C 136 11.28 -14.87 2.66
C ALA C 136 11.70 -14.33 4.01
N ALA C 137 11.05 -13.27 4.48
CA ALA C 137 11.36 -12.68 5.79
C ALA C 137 11.25 -13.76 6.85
N GLY C 138 12.14 -13.71 7.83
CA GLY C 138 12.14 -14.71 8.88
C GLY C 138 13.12 -15.84 8.59
N ASN C 139 13.66 -15.87 7.38
CA ASN C 139 14.62 -16.88 6.97
C ASN C 139 15.91 -16.90 7.78
N PHE C 140 16.51 -18.08 7.84
CA PHE C 140 17.78 -18.26 8.53
C PHE C 140 18.49 -19.40 7.83
N TRP C 141 19.66 -19.10 7.26
CA TRP C 141 20.43 -20.13 6.58
C TRP C 141 21.91 -20.07 6.88
N GLY C 142 22.28 -19.41 7.97
CA GLY C 142 23.68 -19.34 8.35
C GLY C 142 24.13 -18.03 8.95
N ARG C 143 25.44 -17.90 9.11
CA ARG C 143 26.05 -16.71 9.71
C ARG C 143 27.12 -16.01 8.85
N THR C 144 27.21 -16.38 7.59
CA THR C 144 28.18 -15.73 6.71
C THR C 144 27.67 -14.35 6.33
N LEU C 145 28.55 -13.49 5.82
CA LEU C 145 28.19 -12.15 5.39
C LEU C 145 26.99 -12.15 4.42
N SER C 146 26.88 -13.19 3.62
CA SER C 146 25.79 -13.31 2.63
C SER C 146 24.51 -13.79 3.30
N ALA C 147 24.64 -14.75 4.21
CA ALA C 147 23.50 -15.31 4.91
C ALA C 147 22.80 -14.24 5.76
N ILE C 148 23.58 -13.39 6.41
CA ILE C 148 23.00 -12.34 7.23
C ILE C 148 22.46 -11.20 6.36
N SER C 149 22.90 -11.12 5.10
CA SER C 149 22.43 -10.08 4.20
C SER C 149 20.96 -10.26 3.83
N SER C 150 20.49 -11.50 3.83
CA SER C 150 19.09 -11.75 3.48
C SER C 150 18.21 -11.86 4.73
N SER C 151 18.80 -11.62 5.89
CA SER C 151 18.10 -11.71 7.15
C SER C 151 17.30 -10.46 7.49
N THR C 152 16.21 -10.66 8.23
CA THR C 152 15.38 -9.56 8.68
C THR C 152 15.52 -9.44 10.21
N ASP C 153 16.43 -10.24 10.76
CA ASP C 153 16.67 -10.25 12.19
C ASP C 153 17.89 -9.38 12.51
N PRO C 154 17.66 -8.23 13.18
CA PRO C 154 18.73 -7.30 13.55
C PRO C 154 19.95 -7.93 14.25
N THR C 155 19.72 -8.94 15.07
CA THR C 155 20.81 -9.59 15.79
C THR C 155 21.84 -10.29 14.92
N SER C 156 21.46 -10.67 13.70
CA SER C 156 22.40 -11.32 12.81
C SER C 156 23.12 -10.39 11.84
N TYR C 157 22.52 -9.25 11.48
CA TYR C 157 23.14 -8.33 10.54
C TYR C 157 23.61 -7.00 11.11
N ASP C 158 23.02 -6.58 12.22
CA ASP C 158 23.37 -5.29 12.80
C ASP C 158 24.84 -5.16 13.15
N GLY C 159 25.48 -4.16 12.55
CA GLY C 159 26.88 -3.89 12.81
C GLY C 159 27.84 -4.76 12.02
N PHE C 160 27.34 -5.49 11.03
CA PHE C 160 28.21 -6.36 10.26
C PHE C 160 28.59 -5.89 8.85
N GLY C 161 28.99 -4.63 8.77
CA GLY C 161 29.44 -4.00 7.53
C GLY C 161 28.43 -3.99 6.43
N PRO C 162 28.81 -3.51 5.23
CA PRO C 162 27.93 -3.44 4.06
C PRO C 162 27.43 -4.83 3.68
N PHE C 163 26.26 -4.90 3.07
CA PHE C 163 25.67 -6.18 2.74
C PHE C 163 25.73 -6.60 1.27
N MET C 164 25.53 -7.89 1.04
CA MET C 164 25.54 -8.48 -0.29
C MET C 164 24.40 -7.98 -1.14
N PRO C 165 24.71 -7.43 -2.32
CA PRO C 165 23.69 -6.91 -3.23
C PRO C 165 23.01 -8.06 -3.99
N GLY C 166 21.84 -7.78 -4.56
CA GLY C 166 21.14 -8.79 -5.32
C GLY C 166 20.17 -9.69 -4.55
N PHE C 167 19.91 -9.39 -3.28
CA PHE C 167 19.00 -10.19 -2.45
C PHE C 167 17.70 -9.43 -2.20
N ASP C 168 16.57 -9.99 -2.63
CA ASP C 168 15.27 -9.35 -2.41
C ASP C 168 14.54 -10.12 -1.33
N ILE C 169 13.87 -9.41 -0.44
CA ILE C 169 13.14 -10.06 0.65
C ILE C 169 11.64 -9.79 0.58
N ILE C 170 10.84 -10.84 0.53
CA ILE C 170 9.39 -10.73 0.50
C ILE C 170 8.82 -11.41 1.76
N PRO C 171 7.55 -11.15 2.09
CA PRO C 171 6.98 -11.78 3.28
C PRO C 171 6.83 -13.30 3.08
N TYR C 172 7.00 -14.05 4.17
CA TYR C 172 6.88 -15.50 4.13
C TYR C 172 5.40 -15.90 4.02
N ASN C 173 5.12 -17.07 3.45
CA ASN C 173 3.74 -17.57 3.33
C ASN C 173 2.84 -16.54 2.62
N ASP C 174 3.32 -16.04 1.48
CA ASP C 174 2.61 -15.02 0.71
C ASP C 174 2.81 -15.23 -0.78
N LEU C 175 1.91 -15.97 -1.41
CA LEU C 175 2.02 -16.20 -2.85
C LEU C 175 1.90 -14.91 -3.70
N PRO C 176 0.99 -13.98 -3.34
CA PRO C 176 0.86 -12.75 -4.13
C PRO C 176 2.16 -11.95 -4.16
N ALA C 177 2.88 -11.92 -3.04
CA ALA C 177 4.14 -11.20 -2.95
C ALA C 177 5.21 -11.87 -3.81
N LEU C 178 5.17 -13.19 -3.89
CA LEU C 178 6.14 -13.94 -4.70
C LEU C 178 5.92 -13.61 -6.17
N GLU C 179 4.68 -13.74 -6.63
CA GLU C 179 4.34 -13.46 -8.01
C GLU C 179 4.74 -12.05 -8.39
N ARG C 180 4.47 -11.12 -7.49
CA ARG C 180 4.80 -9.72 -7.69
C ARG C 180 6.32 -9.58 -7.86
N ALA C 181 7.07 -10.25 -6.98
CA ALA C 181 8.53 -10.21 -7.03
C ALA C 181 9.13 -10.88 -8.28
N LEU C 182 8.49 -11.94 -8.75
CA LEU C 182 8.95 -12.68 -9.92
C LEU C 182 8.64 -12.02 -11.25
N GLN C 183 8.21 -10.77 -11.21
CA GLN C 183 7.92 -10.03 -12.43
C GLN C 183 9.24 -9.54 -13.02
N ASP C 184 10.26 -9.41 -12.16
CA ASP C 184 11.59 -8.97 -12.58
C ASP C 184 12.26 -10.15 -13.26
N PRO C 185 12.52 -10.04 -14.57
CA PRO C 185 13.16 -11.11 -15.36
C PRO C 185 14.62 -11.43 -14.96
N ASN C 186 15.18 -10.66 -14.03
CA ASN C 186 16.55 -10.88 -13.55
C ASN C 186 16.63 -11.78 -12.34
N VAL C 187 15.49 -12.27 -11.86
CA VAL C 187 15.46 -13.14 -10.71
C VAL C 187 15.84 -14.54 -11.17
N ALA C 188 16.87 -15.10 -10.56
CA ALA C 188 17.33 -16.43 -10.90
C ALA C 188 16.71 -17.51 -10.02
N ALA C 189 16.45 -17.18 -8.75
CA ALA C 189 15.89 -18.17 -7.83
C ALA C 189 15.14 -17.59 -6.64
N PHE C 190 14.48 -18.50 -5.91
CA PHE C 190 13.75 -18.18 -4.69
C PHE C 190 14.15 -19.27 -3.72
N MET C 191 14.67 -18.89 -2.57
CA MET C 191 15.08 -19.85 -1.54
C MET C 191 14.12 -19.76 -0.35
N VAL C 192 13.55 -20.88 0.07
CA VAL C 192 12.62 -20.90 1.20
C VAL C 192 12.76 -22.15 2.05
N GLU C 193 12.39 -22.01 3.32
CA GLU C 193 12.37 -23.11 4.26
C GLU C 193 10.90 -23.57 4.24
N PRO C 194 10.65 -24.88 4.10
CA PRO C 194 9.28 -25.40 4.08
C PRO C 194 8.54 -25.04 5.37
N ILE C 195 9.33 -24.84 6.43
CA ILE C 195 8.85 -24.47 7.77
C ILE C 195 10.04 -23.70 8.31
N GLN C 196 9.82 -22.48 8.80
CA GLN C 196 10.92 -21.68 9.35
C GLN C 196 11.28 -22.09 10.76
N GLY C 197 12.41 -22.79 10.90
CA GLY C 197 12.87 -23.26 12.19
C GLY C 197 13.25 -22.21 13.22
N GLU C 198 14.38 -21.53 13.00
CA GLU C 198 14.86 -20.52 13.94
C GLU C 198 13.91 -19.35 14.15
N ALA C 199 13.00 -19.13 13.20
CA ALA C 199 12.02 -18.07 13.33
C ALA C 199 11.07 -18.40 14.48
N GLY C 200 10.89 -19.69 14.74
CA GLY C 200 10.00 -20.13 15.81
C GLY C 200 9.03 -21.19 15.31
N VAL C 201 9.49 -22.01 14.38
CA VAL C 201 8.68 -23.07 13.78
C VAL C 201 7.41 -22.51 13.16
N VAL C 202 7.55 -21.53 12.28
CA VAL C 202 6.39 -20.96 11.63
C VAL C 202 6.03 -21.80 10.41
N VAL C 203 4.85 -22.40 10.46
CA VAL C 203 4.38 -23.26 9.38
C VAL C 203 3.51 -22.49 8.39
N PRO C 204 3.82 -22.58 7.09
CA PRO C 204 3.03 -21.86 6.08
C PRO C 204 1.67 -22.54 5.85
N ASP C 205 0.73 -21.82 5.25
CA ASP C 205 -0.60 -22.36 4.99
C ASP C 205 -0.55 -23.47 3.96
N PRO C 206 -1.48 -24.44 4.06
CA PRO C 206 -1.49 -25.54 3.10
C PRO C 206 -1.70 -24.96 1.71
N GLY C 207 -0.97 -25.50 0.73
CA GLY C 207 -1.08 -25.00 -0.64
C GLY C 207 0.04 -24.02 -0.98
N TYR C 208 0.76 -23.53 0.03
CA TYR C 208 1.85 -22.58 -0.17
C TYR C 208 3.00 -23.13 -1.03
N LEU C 209 3.57 -24.27 -0.64
CA LEU C 209 4.69 -24.87 -1.38
C LEU C 209 4.28 -25.22 -2.81
N MET C 210 3.04 -25.65 -2.97
CA MET C 210 2.53 -26.00 -4.29
C MET C 210 2.47 -24.75 -5.14
N GLY C 211 2.08 -23.63 -4.54
CA GLY C 211 2.00 -22.37 -5.23
C GLY C 211 3.38 -21.84 -5.60
N VAL C 212 4.33 -22.00 -4.69
CA VAL C 212 5.70 -21.57 -4.92
C VAL C 212 6.27 -22.33 -6.12
N ARG C 213 6.02 -23.64 -6.17
CA ARG C 213 6.50 -24.44 -7.28
C ARG C 213 5.88 -23.97 -8.58
N GLU C 214 4.58 -23.73 -8.58
CA GLU C 214 3.88 -23.29 -9.79
C GLU C 214 4.41 -21.93 -10.25
N LEU C 215 4.50 -20.99 -9.33
CA LEU C 215 4.98 -19.64 -9.62
C LEU C 215 6.42 -19.66 -10.17
N CYS C 216 7.31 -20.38 -9.50
CA CYS C 216 8.71 -20.47 -9.95
C CYS C 216 8.80 -21.05 -11.35
N THR C 217 8.15 -22.18 -11.57
CA THR C 217 8.16 -22.83 -12.88
C THR C 217 7.65 -21.88 -13.95
N ARG C 218 6.56 -21.17 -13.65
CA ARG C 218 5.97 -20.23 -14.60
C ARG C 218 6.90 -19.09 -14.99
N HIS C 219 7.76 -18.67 -14.08
CA HIS C 219 8.65 -17.58 -14.38
C HIS C 219 10.09 -18.00 -14.69
N GLN C 220 10.30 -19.29 -14.96
CA GLN C 220 11.63 -19.81 -15.27
C GLN C 220 12.60 -19.38 -14.15
N VAL C 221 12.19 -19.61 -12.92
CA VAL C 221 12.98 -19.26 -11.75
C VAL C 221 13.23 -20.55 -10.98
N LEU C 222 14.41 -20.68 -10.38
CA LEU C 222 14.75 -21.86 -9.61
C LEU C 222 14.15 -21.83 -8.21
N PHE C 223 13.56 -22.96 -7.82
CA PHE C 223 12.96 -23.13 -6.52
C PHE C 223 13.97 -23.87 -5.63
N ILE C 224 14.56 -23.14 -4.68
CA ILE C 224 15.54 -23.72 -3.78
C ILE C 224 14.89 -23.97 -2.42
N ALA C 225 14.77 -25.24 -2.04
CA ALA C 225 14.16 -25.59 -0.77
C ALA C 225 15.23 -25.88 0.27
N ASP C 226 15.26 -25.09 1.32
CA ASP C 226 16.23 -25.27 2.39
C ASP C 226 15.65 -26.29 3.36
N GLU C 227 16.11 -27.53 3.25
CA GLU C 227 15.64 -28.63 4.10
C GLU C 227 16.69 -29.03 5.13
N ILE C 228 17.62 -28.12 5.43
CA ILE C 228 18.69 -28.40 6.38
C ILE C 228 18.21 -28.77 7.78
N GLN C 229 17.06 -28.22 8.19
CA GLN C 229 16.53 -28.53 9.51
C GLN C 229 15.20 -29.27 9.47
N THR C 230 14.43 -29.09 8.40
CA THR C 230 13.14 -29.75 8.29
C THR C 230 13.18 -31.12 7.61
N GLY C 231 14.23 -31.38 6.84
CA GLY C 231 14.35 -32.63 6.14
C GLY C 231 14.79 -33.79 7.01
N LEU C 232 14.96 -34.95 6.36
CA LEU C 232 15.40 -36.17 7.04
C LEU C 232 14.50 -36.63 8.20
N ALA C 233 13.25 -36.92 7.86
CA ALA C 233 12.22 -37.42 8.80
C ALA C 233 11.73 -36.48 9.92
N ARG C 234 12.44 -35.39 10.18
CA ARG C 234 12.04 -34.46 11.24
C ARG C 234 10.57 -34.05 11.27
N THR C 235 10.03 -33.66 10.12
CA THR C 235 8.64 -33.22 10.05
C THR C 235 7.62 -34.34 9.85
N GLY C 236 8.10 -35.55 9.58
CA GLY C 236 7.20 -36.66 9.37
C GLY C 236 7.30 -37.26 7.98
N ARG C 237 8.21 -36.73 7.16
CA ARG C 237 8.45 -37.22 5.80
C ARG C 237 9.95 -37.12 5.53
N TRP C 238 10.41 -37.65 4.40
CA TRP C 238 11.82 -37.55 4.05
C TRP C 238 12.19 -36.07 3.92
N LEU C 239 11.26 -35.30 3.34
CA LEU C 239 11.40 -33.86 3.15
C LEU C 239 10.05 -33.23 3.48
N ALA C 240 10.06 -32.10 4.19
CA ALA C 240 8.83 -31.40 4.56
C ALA C 240 8.02 -31.10 3.29
N VAL C 241 8.75 -30.83 2.21
CA VAL C 241 8.19 -30.53 0.90
C VAL C 241 7.28 -31.67 0.38
N ASP C 242 7.54 -32.88 0.87
CA ASP C 242 6.75 -34.06 0.46
C ASP C 242 5.27 -33.97 0.84
N TYR C 243 4.95 -33.19 1.87
CA TYR C 243 3.56 -33.04 2.29
C TYR C 243 2.67 -32.49 1.18
N GLU C 244 3.26 -31.70 0.29
CA GLU C 244 2.51 -31.10 -0.83
C GLU C 244 2.96 -31.69 -2.16
N ASN C 245 3.77 -32.75 -2.07
CA ASN C 245 4.28 -33.48 -3.21
C ASN C 245 4.99 -32.61 -4.27
N VAL C 246 5.74 -31.61 -3.84
CA VAL C 246 6.46 -30.75 -4.79
C VAL C 246 7.93 -31.13 -4.93
N ARG C 247 8.47 -30.90 -6.13
CA ARG C 247 9.87 -31.21 -6.40
C ARG C 247 10.68 -29.94 -6.64
N PRO C 248 11.44 -29.50 -5.65
CA PRO C 248 12.25 -28.27 -5.79
C PRO C 248 13.33 -28.46 -6.87
N ASP C 249 13.91 -27.36 -7.33
CA ASP C 249 14.97 -27.44 -8.34
C ASP C 249 16.28 -27.78 -7.66
N ILE C 250 16.44 -27.32 -6.42
CA ILE C 250 17.64 -27.56 -5.62
C ILE C 250 17.18 -27.85 -4.19
N VAL C 251 17.72 -28.91 -3.59
CA VAL C 251 17.38 -29.27 -2.21
C VAL C 251 18.66 -29.19 -1.37
N LEU C 252 18.55 -28.57 -0.20
CA LEU C 252 19.69 -28.43 0.70
C LEU C 252 19.50 -29.35 1.90
N LEU C 253 20.53 -30.11 2.23
CA LEU C 253 20.50 -31.02 3.38
C LEU C 253 21.70 -30.74 4.27
N GLY C 254 21.57 -31.03 5.56
CA GLY C 254 22.65 -30.81 6.50
C GLY C 254 22.29 -31.44 7.83
N LYS C 255 22.81 -30.85 8.91
CA LYS C 255 22.53 -31.31 10.26
C LYS C 255 22.45 -32.83 10.53
N ALA C 256 21.25 -33.39 10.43
CA ALA C 256 21.04 -34.82 10.68
C ALA C 256 21.64 -35.76 9.63
N LEU C 257 22.22 -35.20 8.57
CA LEU C 257 22.83 -36.01 7.52
C LEU C 257 23.97 -36.88 8.05
N SER C 258 24.45 -36.58 9.26
CA SER C 258 25.54 -37.33 9.87
C SER C 258 25.19 -37.84 11.26
N GLY C 259 23.99 -37.51 11.72
CA GLY C 259 23.56 -37.93 13.05
C GLY C 259 24.28 -37.18 14.14
N GLY C 260 24.94 -36.08 13.78
CA GLY C 260 25.65 -35.27 14.77
C GLY C 260 27.07 -35.70 15.04
N LEU C 261 27.58 -36.63 14.25
CA LEU C 261 28.95 -37.12 14.42
C LEU C 261 29.99 -36.46 13.51
N TYR C 262 29.54 -35.70 12.51
CA TYR C 262 30.48 -35.07 11.59
C TYR C 262 29.74 -33.98 10.78
N PRO C 263 30.40 -32.84 10.48
CA PRO C 263 29.74 -31.79 9.71
C PRO C 263 29.62 -32.19 8.24
N VAL C 264 28.43 -32.56 7.81
CA VAL C 264 28.21 -32.96 6.42
C VAL C 264 26.95 -32.27 5.90
N SER C 265 27.05 -31.65 4.73
CA SER C 265 25.90 -31.00 4.11
C SER C 265 25.91 -31.38 2.64
N ALA C 266 24.82 -31.08 1.94
CA ALA C 266 24.74 -31.44 0.54
C ALA C 266 23.69 -30.62 -0.22
N VAL C 267 23.93 -30.43 -1.50
CA VAL C 267 22.99 -29.71 -2.36
C VAL C 267 22.72 -30.65 -3.53
N LEU C 268 21.45 -30.92 -3.79
CA LEU C 268 21.06 -31.83 -4.87
C LEU C 268 20.29 -31.12 -5.97
N CYS C 269 20.57 -31.48 -7.21
CA CYS C 269 19.87 -30.92 -8.37
C CYS C 269 20.27 -31.67 -9.64
N ASP C 270 19.50 -31.45 -10.71
CA ASP C 270 19.76 -32.10 -11.98
C ASP C 270 20.93 -31.49 -12.73
N ASP C 271 21.37 -32.18 -13.78
CA ASP C 271 22.51 -31.77 -14.59
C ASP C 271 22.49 -30.36 -15.15
N ASP C 272 21.35 -29.95 -15.69
CA ASP C 272 21.21 -28.62 -16.27
C ASP C 272 21.57 -27.48 -15.33
N ILE C 273 21.49 -27.74 -14.03
CA ILE C 273 21.82 -26.72 -13.03
C ILE C 273 23.20 -27.00 -12.44
N MET C 274 23.43 -28.26 -12.08
CA MET C 274 24.68 -28.69 -11.46
C MET C 274 25.91 -28.49 -12.34
N LEU C 275 25.78 -28.81 -13.63
CA LEU C 275 26.90 -28.69 -14.55
C LEU C 275 27.27 -27.28 -15.02
N THR C 276 26.63 -26.27 -14.47
CA THR C 276 26.94 -24.89 -14.84
C THR C 276 28.28 -24.53 -14.21
N ILE C 277 28.63 -25.24 -13.13
CA ILE C 277 29.91 -25.02 -12.46
C ILE C 277 30.94 -26.00 -13.00
N LYS C 278 32.00 -25.46 -13.60
CA LYS C 278 33.08 -26.26 -14.19
C LYS C 278 34.20 -26.57 -13.20
N PRO C 279 35.10 -27.52 -13.57
CA PRO C 279 36.22 -27.89 -12.70
C PRO C 279 37.03 -26.69 -12.23
N GLY C 280 37.26 -26.62 -10.91
CA GLY C 280 38.03 -25.53 -10.33
C GLY C 280 37.24 -24.29 -9.98
N GLU C 281 35.96 -24.25 -10.36
CA GLU C 281 35.13 -23.08 -10.09
C GLU C 281 34.43 -23.08 -8.72
N HIS C 282 34.66 -24.10 -7.92
CA HIS C 282 34.07 -24.19 -6.59
C HIS C 282 34.58 -25.41 -5.86
N GLY C 283 34.75 -25.30 -4.54
CA GLY C 283 35.24 -26.43 -3.76
C GLY C 283 35.21 -26.23 -2.26
N SER C 284 35.91 -27.11 -1.56
CA SER C 284 35.99 -27.11 -0.10
C SER C 284 37.06 -28.13 0.28
N THR C 285 37.88 -27.83 1.28
CA THR C 285 38.93 -28.75 1.71
C THR C 285 38.34 -30.08 2.18
N TYR C 286 37.51 -30.04 3.21
CA TYR C 286 36.92 -31.26 3.76
C TYR C 286 35.68 -31.77 3.05
N GLY C 287 35.14 -30.97 2.14
CA GLY C 287 33.95 -31.37 1.42
C GLY C 287 34.08 -32.66 0.66
N GLY C 288 33.33 -33.68 1.08
CA GLY C 288 33.35 -34.97 0.41
C GLY C 288 34.40 -35.97 0.88
N ASN C 289 34.99 -35.73 2.04
CA ASN C 289 36.01 -36.63 2.56
C ASN C 289 35.42 -38.01 2.89
N PRO C 290 36.25 -39.08 2.80
CA PRO C 290 35.85 -40.48 3.06
C PRO C 290 35.14 -40.71 4.39
N LEU C 291 35.67 -40.10 5.45
CA LEU C 291 35.10 -40.25 6.78
C LEU C 291 33.66 -39.73 6.87
N GLY C 292 33.44 -38.49 6.42
CA GLY C 292 32.11 -37.92 6.45
C GLY C 292 31.12 -38.68 5.61
N CYS C 293 31.58 -39.25 4.50
CA CYS C 293 30.72 -40.02 3.61
C CYS C 293 30.23 -41.33 4.24
N ARG C 294 31.08 -41.96 5.04
CA ARG C 294 30.71 -43.20 5.69
C ARG C 294 29.63 -42.94 6.73
N VAL C 295 29.81 -41.91 7.54
CA VAL C 295 28.82 -41.58 8.57
C VAL C 295 27.51 -41.15 7.91
N ALA C 296 27.59 -40.43 6.80
CA ALA C 296 26.41 -39.98 6.08
C ALA C 296 25.56 -41.17 5.58
N ILE C 297 26.21 -42.14 4.94
CA ILE C 297 25.51 -43.33 4.45
C ILE C 297 24.84 -44.04 5.61
N ALA C 298 25.57 -44.18 6.72
CA ALA C 298 25.06 -44.85 7.93
C ALA C 298 23.87 -44.09 8.52
N ALA C 299 24.01 -42.76 8.63
CA ALA C 299 22.97 -41.89 9.18
C ALA C 299 21.68 -41.95 8.35
N LEU C 300 21.83 -42.08 7.04
CA LEU C 300 20.67 -42.17 6.14
C LEU C 300 19.97 -43.52 6.29
N GLU C 301 20.75 -44.58 6.46
CA GLU C 301 20.21 -45.91 6.63
C GLU C 301 19.38 -46.00 7.90
N VAL C 302 19.90 -45.47 9.00
CA VAL C 302 19.21 -45.48 10.28
C VAL C 302 17.81 -44.86 10.13
N LEU C 303 17.72 -43.73 9.43
CA LEU C 303 16.44 -43.05 9.23
C LEU C 303 15.46 -43.92 8.44
N GLU C 304 15.96 -44.59 7.42
CA GLU C 304 15.13 -45.45 6.58
C GLU C 304 14.71 -46.73 7.29
N GLU C 305 15.70 -47.52 7.70
CA GLU C 305 15.47 -48.80 8.39
C GLU C 305 14.57 -48.70 9.61
N GLU C 306 14.84 -47.76 10.50
CA GLU C 306 14.03 -47.63 11.70
C GLU C 306 12.74 -46.83 11.48
N ASN C 307 12.37 -46.61 10.23
CA ASN C 307 11.15 -45.87 9.87
C ASN C 307 10.87 -44.67 10.77
N LEU C 308 11.88 -43.83 10.96
CA LEU C 308 11.76 -42.65 11.82
C LEU C 308 10.76 -41.59 11.34
N ALA C 309 10.46 -41.59 10.04
CA ALA C 309 9.50 -40.62 9.50
C ALA C 309 8.11 -40.82 10.10
N GLU C 310 7.59 -42.03 9.95
CA GLU C 310 6.26 -42.36 10.47
C GLU C 310 6.21 -42.26 12.00
N ASN C 311 7.29 -42.61 12.67
CA ASN C 311 7.32 -42.50 14.13
C ASN C 311 7.18 -41.02 14.49
N ALA C 312 7.89 -40.17 13.75
CA ALA C 312 7.87 -38.72 13.95
C ALA C 312 6.48 -38.13 13.73
N ASP C 313 5.81 -38.63 12.69
CA ASP C 313 4.48 -38.18 12.34
C ASP C 313 3.46 -38.51 13.45
N LYS C 314 3.42 -39.77 13.85
CA LYS C 314 2.49 -40.25 14.88
C LYS C 314 2.67 -39.52 16.21
N LEU C 315 3.89 -39.56 16.75
CA LEU C 315 4.18 -38.94 18.03
C LEU C 315 4.00 -37.43 18.03
N GLY C 316 4.28 -36.78 16.90
CA GLY C 316 4.13 -35.35 16.82
C GLY C 316 2.69 -34.97 17.07
N ILE C 317 1.79 -35.74 16.47
CA ILE C 317 0.36 -35.50 16.62
C ILE C 317 -0.06 -35.64 18.09
N ILE C 318 0.50 -36.63 18.78
CA ILE C 318 0.20 -36.85 20.19
C ILE C 318 0.72 -35.64 20.98
N LEU C 319 1.99 -35.29 20.73
CA LEU C 319 2.63 -34.18 21.41
C LEU C 319 1.83 -32.88 21.28
N ARG C 320 1.40 -32.56 20.06
CA ARG C 320 0.63 -31.34 19.85
C ARG C 320 -0.72 -31.35 20.53
N ASN C 321 -1.44 -32.46 20.42
CA ASN C 321 -2.76 -32.58 21.06
C ASN C 321 -2.63 -32.37 22.57
N GLU C 322 -1.57 -32.89 23.17
CA GLU C 322 -1.35 -32.74 24.60
C GLU C 322 -0.98 -31.32 25.01
N LEU C 323 -0.15 -30.66 24.20
CA LEU C 323 0.27 -29.30 24.47
C LEU C 323 -0.91 -28.34 24.39
N MET C 324 -1.83 -28.62 23.47
CA MET C 324 -3.01 -27.78 23.28
C MET C 324 -4.00 -27.82 24.44
N LYS C 325 -3.74 -28.68 25.42
CA LYS C 325 -4.59 -28.81 26.59
C LYS C 325 -4.19 -27.81 27.67
N LEU C 326 -2.99 -27.24 27.52
CA LEU C 326 -2.50 -26.25 28.46
C LEU C 326 -3.36 -24.99 28.38
N PRO C 327 -3.47 -24.24 29.50
CA PRO C 327 -4.27 -23.02 29.57
C PRO C 327 -3.82 -21.88 28.64
N SER C 328 -4.78 -21.36 27.87
CA SER C 328 -4.56 -20.26 26.93
C SER C 328 -3.84 -19.04 27.51
N ASP C 329 -4.06 -18.74 28.78
CA ASP C 329 -3.42 -17.59 29.40
C ASP C 329 -1.97 -17.86 29.78
N VAL C 330 -1.45 -18.97 29.26
CA VAL C 330 -0.09 -19.41 29.51
C VAL C 330 0.53 -19.72 28.14
N VAL C 331 -0.08 -20.68 27.44
CA VAL C 331 0.39 -21.08 26.11
C VAL C 331 -0.61 -20.48 25.13
N THR C 332 -0.17 -19.46 24.40
CA THR C 332 -1.03 -18.80 23.44
C THR C 332 -1.10 -19.52 22.10
N ALA C 333 -0.12 -20.37 21.81
CA ALA C 333 -0.11 -21.11 20.56
C ALA C 333 0.75 -22.36 20.61
N VAL C 334 0.36 -23.35 19.80
CA VAL C 334 1.06 -24.63 19.67
C VAL C 334 1.14 -24.90 18.17
N ARG C 335 2.33 -25.18 17.66
CA ARG C 335 2.48 -25.43 16.23
C ARG C 335 3.64 -26.32 15.86
N GLY C 336 3.56 -26.91 14.67
CA GLY C 336 4.62 -27.77 14.20
C GLY C 336 4.14 -28.87 13.29
N LYS C 337 5.06 -29.76 12.95
CA LYS C 337 4.80 -30.92 12.10
C LYS C 337 5.81 -31.97 12.54
N GLY C 338 5.36 -33.21 12.68
CA GLY C 338 6.25 -34.27 13.11
C GLY C 338 6.82 -33.88 14.46
N LEU C 339 8.12 -34.12 14.67
CA LEU C 339 8.74 -33.75 15.93
C LEU C 339 9.41 -32.38 15.92
N LEU C 340 8.96 -31.51 15.03
CA LEU C 340 9.48 -30.14 14.94
C LEU C 340 8.29 -29.28 15.39
N ASN C 341 8.22 -29.00 16.68
CA ASN C 341 7.11 -28.22 17.23
C ASN C 341 7.59 -27.10 18.12
N ALA C 342 6.66 -26.21 18.48
CA ALA C 342 6.96 -25.08 19.35
C ALA C 342 5.66 -24.53 19.96
N ILE C 343 5.79 -23.91 21.13
CA ILE C 343 4.65 -23.31 21.82
C ILE C 343 5.03 -21.87 22.11
N VAL C 344 4.03 -20.99 22.12
CA VAL C 344 4.29 -19.58 22.40
C VAL C 344 3.83 -19.28 23.82
N ILE C 345 4.80 -18.95 24.67
CA ILE C 345 4.56 -18.62 26.06
C ILE C 345 4.17 -17.15 26.19
N LYS C 346 3.03 -16.89 26.82
CA LYS C 346 2.60 -15.52 27.01
C LYS C 346 3.51 -14.87 28.05
N GLU C 347 4.51 -14.13 27.58
CA GLU C 347 5.47 -13.45 28.45
C GLU C 347 4.72 -12.40 29.27
N THR C 348 4.92 -12.40 30.59
CA THR C 348 4.23 -11.45 31.45
C THR C 348 5.17 -10.73 32.41
N LYS C 349 4.56 -10.04 33.37
CA LYS C 349 5.27 -9.28 34.40
C LYS C 349 5.95 -10.23 35.40
N ASP C 350 5.92 -11.52 35.11
CA ASP C 350 6.51 -12.51 35.99
C ASP C 350 7.44 -13.46 35.24
N TRP C 351 6.85 -14.31 34.40
CA TRP C 351 7.61 -15.30 33.68
C TRP C 351 7.85 -14.97 32.20
N ASP C 352 8.73 -15.75 31.58
CA ASP C 352 9.09 -15.63 30.18
C ASP C 352 9.58 -17.01 29.75
N ALA C 353 9.88 -17.18 28.46
CA ALA C 353 10.33 -18.47 27.94
C ALA C 353 11.61 -19.01 28.59
N TRP C 354 12.55 -18.13 28.91
CA TRP C 354 13.80 -18.52 29.54
C TRP C 354 13.56 -19.21 30.90
N LYS C 355 12.74 -18.60 31.73
CA LYS C 355 12.42 -19.15 33.06
C LYS C 355 11.74 -20.50 32.98
N VAL C 356 10.87 -20.68 31.99
CA VAL C 356 10.19 -21.94 31.81
C VAL C 356 11.25 -22.99 31.53
N CYS C 357 12.21 -22.64 30.68
CA CYS C 357 13.30 -23.55 30.32
C CYS C 357 14.22 -23.85 31.49
N LEU C 358 14.39 -22.86 32.37
CA LEU C 358 15.22 -23.06 33.56
C LEU C 358 14.56 -24.09 34.47
N ARG C 359 13.25 -23.97 34.67
CA ARG C 359 12.52 -24.89 35.53
C ARG C 359 12.34 -26.25 34.86
N LEU C 360 12.17 -26.22 33.54
CA LEU C 360 12.01 -27.44 32.74
C LEU C 360 13.28 -28.27 32.91
N ARG C 361 14.41 -27.57 32.94
CA ARG C 361 15.72 -28.17 33.12
C ARG C 361 15.76 -28.81 34.50
N ASP C 362 15.27 -28.08 35.50
CA ASP C 362 15.25 -28.55 36.87
C ASP C 362 14.38 -29.81 37.04
N ASN C 363 13.43 -30.02 36.12
CA ASN C 363 12.57 -31.19 36.19
C ASN C 363 12.99 -32.33 35.26
N GLY C 364 14.15 -32.20 34.62
CA GLY C 364 14.64 -33.25 33.75
C GLY C 364 14.42 -33.14 32.25
N LEU C 365 14.20 -31.93 31.73
CA LEU C 365 14.01 -31.77 30.29
C LEU C 365 14.75 -30.55 29.76
N LEU C 366 15.46 -30.72 28.65
CA LEU C 366 16.22 -29.63 28.04
C LEU C 366 15.59 -29.07 26.77
N ALA C 367 15.42 -27.75 26.74
CA ALA C 367 14.85 -27.05 25.60
C ALA C 367 15.40 -25.63 25.55
N LYS C 368 15.14 -24.91 24.46
CA LYS C 368 15.63 -23.55 24.31
C LYS C 368 14.63 -22.61 23.65
N PRO C 369 14.49 -21.40 24.19
CA PRO C 369 13.58 -20.37 23.67
C PRO C 369 14.17 -19.74 22.41
N THR C 370 13.43 -19.77 21.30
CA THR C 370 13.93 -19.22 20.04
C THR C 370 13.95 -17.70 19.95
N HIS C 371 12.81 -17.05 20.18
CA HIS C 371 12.75 -15.60 20.10
C HIS C 371 12.15 -14.91 21.32
N GLY C 372 12.72 -15.17 22.49
CA GLY C 372 12.25 -14.55 23.72
C GLY C 372 11.01 -15.12 24.41
N ASP C 373 10.04 -15.60 23.63
CA ASP C 373 8.81 -16.15 24.20
C ASP C 373 8.33 -17.43 23.52
N ILE C 374 9.16 -17.97 22.64
CA ILE C 374 8.81 -19.21 21.93
C ILE C 374 9.70 -20.30 22.48
N ILE C 375 9.15 -21.50 22.66
CA ILE C 375 9.93 -22.63 23.17
C ILE C 375 9.75 -23.79 22.21
N ARG C 376 10.88 -24.26 21.65
CA ARG C 376 10.86 -25.37 20.70
C ARG C 376 10.89 -26.71 21.43
N PHE C 377 10.12 -27.67 20.92
CA PHE C 377 10.08 -29.01 21.49
C PHE C 377 10.40 -29.97 20.36
N ALA C 378 11.67 -30.33 20.25
CA ALA C 378 12.14 -31.23 19.20
C ALA C 378 13.06 -32.32 19.74
N PRO C 379 12.49 -33.47 20.15
CA PRO C 379 13.25 -34.60 20.68
C PRO C 379 13.71 -35.55 19.57
N PRO C 380 14.80 -36.30 19.78
CA PRO C 380 15.30 -37.22 18.77
C PRO C 380 14.18 -38.12 18.26
N LEU C 381 14.17 -38.38 16.96
CA LEU C 381 13.13 -39.17 16.33
C LEU C 381 13.04 -40.64 16.79
N VAL C 382 13.94 -41.03 17.69
CA VAL C 382 13.95 -42.39 18.21
C VAL C 382 13.13 -42.50 19.51
N ILE C 383 12.56 -41.37 19.94
CA ILE C 383 11.77 -41.34 21.16
C ILE C 383 10.55 -42.26 21.05
N LYS C 384 10.18 -42.89 22.16
CA LYS C 384 9.05 -43.78 22.20
C LYS C 384 7.87 -43.09 22.88
N GLU C 385 6.66 -43.54 22.57
CA GLU C 385 5.44 -42.96 23.13
C GLU C 385 5.43 -42.81 24.65
N ASP C 386 5.86 -43.85 25.35
CA ASP C 386 5.89 -43.80 26.81
C ASP C 386 6.85 -42.73 27.27
N GLU C 387 8.02 -42.67 26.63
CA GLU C 387 9.04 -41.68 26.96
C GLU C 387 8.53 -40.28 26.65
N LEU C 388 7.78 -40.18 25.56
CA LEU C 388 7.18 -38.92 25.12
C LEU C 388 6.15 -38.50 26.18
N ARG C 389 5.39 -39.48 26.68
CA ARG C 389 4.36 -39.25 27.69
C ARG C 389 4.99 -38.73 28.98
N GLU C 390 6.12 -39.32 29.39
CA GLU C 390 6.79 -38.91 30.61
C GLU C 390 7.25 -37.45 30.49
N SER C 391 7.82 -37.12 29.34
CA SER C 391 8.29 -35.76 29.08
C SER C 391 7.12 -34.77 29.01
N ILE C 392 6.02 -35.19 28.40
CA ILE C 392 4.83 -34.36 28.30
C ILE C 392 4.40 -34.00 29.74
N GLU C 393 4.47 -34.97 30.63
CA GLU C 393 4.10 -34.75 32.02
C GLU C 393 5.01 -33.73 32.69
N ILE C 394 6.29 -33.75 32.30
CA ILE C 394 7.28 -32.81 32.83
C ILE C 394 6.96 -31.41 32.33
N ILE C 395 6.58 -31.32 31.06
CA ILE C 395 6.22 -30.04 30.45
C ILE C 395 5.00 -29.47 31.18
N ASN C 396 3.99 -30.32 31.39
CA ASN C 396 2.76 -29.91 32.08
C ASN C 396 3.00 -29.42 33.50
N LYS C 397 3.71 -30.20 34.31
CA LYS C 397 3.98 -29.80 35.67
C LYS C 397 4.79 -28.53 35.79
N THR C 398 5.70 -28.32 34.86
CA THR C 398 6.53 -27.12 34.86
C THR C 398 5.68 -25.91 34.47
N ILE C 399 4.95 -26.04 33.37
CA ILE C 399 4.10 -24.97 32.88
C ILE C 399 3.07 -24.55 33.94
N LEU C 400 2.41 -25.54 34.51
CA LEU C 400 1.37 -25.31 35.52
C LEU C 400 1.91 -25.00 36.93
N SER C 401 3.21 -24.84 37.08
CA SER C 401 3.78 -24.53 38.38
C SER C 401 4.10 -23.04 38.53
N PHE C 402 3.90 -22.27 37.46
CA PHE C 402 4.17 -20.83 37.51
C PHE C 402 2.96 -20.05 38.00
#